data_5L7D
#
_entry.id   5L7D
#
_cell.length_a   122.900
_cell.length_b   63.020
_cell.length_c   208.590
_cell.angle_alpha   90.00
_cell.angle_beta   96.64
_cell.angle_gamma   90.00
#
_symmetry.space_group_name_H-M   'C 1 2 1'
#
loop_
_entity.id
_entity.type
_entity.pdbx_description
1 polymer 'Smoothened homolog,Soluble cytochrome b562,Smoothened homolog'
2 non-polymer 2-acetamido-2-deoxy-beta-D-glucopyranose
3 non-polymer CHOLESTEROL
4 non-polymer 'SODIUM ION'
#
_entity_poly.entity_id   1
_entity_poly.type   'polypeptide(L)'
_entity_poly.pdbx_seq_one_letter_code
;SSGNATGPGPRSAGGSARRSAAVTGPPPPLSHCGRAAPCEPLRYNVCLGSVLPYGATSTLLAGDSDSQEEAHGKLVLWSG
LRNAPRCWAVIQPLLCAVYMPKCENDRVELPSRTLCQATRGPCAIVERERGWPDFLRCTPDRFPEGCTNEVQNIKFNSSG
QCEVPLVRTDNPKSWYEDVEGCGIQCQNPLFTEAEHQDMHSYIAAFGAVTGLCTLFTLATFVADWRNSNRYPAVILFYVN
ACFFVGSIGWLAQFMDGARREIVCRADGTMRLGEPTSNETLSCVIIFVIVYYALMAGFVWFVVLTYAWHTSFKALGTTYQ
PLSGKTSYFHLLTWSLPFVLTVAILAVAQVDGDSVSGICFVGYKNYRYRAGFVLAPIGLVLIVGGYFLIRGVMTLFSARR
QLADLEDNWETLNDNLKVIEKADNAAQVKDALTKMRAAALDAQKATPPKLEDKSPDSPEMKDFRHGFDILVGQIDDALKL
ANEGKVKEAQAAAEQLKTTRNAYIQKYLERARSTLSKINETMLRLGIFGFLAFGFVLITFSCHFYDFFNQAEWERSFRDY
VLCQANVTIGLPTKQPIPDCEIKNRPSLLVEKINLFAMFGTGIAMSTWVWTKATLLIWRRTWCRLTGQGTETSQVAPA
;
_entity_poly.pdbx_strand_id   A,B
#
# COMPACT_ATOMS: atom_id res chain seq x y z
N PRO A 27 -71.81 -42.12 -16.92
CA PRO A 27 -72.15 -41.88 -18.33
C PRO A 27 -71.23 -42.64 -19.30
N PRO A 28 -71.67 -42.94 -20.56
CA PRO A 28 -70.79 -43.66 -21.50
C PRO A 28 -69.61 -42.78 -21.93
N PRO A 29 -68.39 -43.33 -22.09
CA PRO A 29 -67.23 -42.47 -22.42
C PRO A 29 -67.30 -41.89 -23.82
N LEU A 30 -66.90 -40.61 -23.96
CA LEU A 30 -66.89 -39.86 -25.21
C LEU A 30 -65.99 -40.55 -26.22
N SER A 31 -66.44 -40.66 -27.49
CA SER A 31 -65.70 -41.30 -28.59
C SER A 31 -64.32 -40.64 -28.83
N HIS A 32 -64.18 -39.34 -28.46
CA HIS A 32 -62.96 -38.56 -28.62
C HIS A 32 -62.05 -38.64 -27.39
N CYS A 33 -62.55 -39.07 -26.22
CA CYS A 33 -61.74 -39.18 -25.01
C CYS A 33 -61.08 -40.57 -24.92
N GLY A 34 -60.89 -41.18 -26.08
CA GLY A 34 -60.27 -42.48 -26.27
C GLY A 34 -59.81 -42.68 -27.70
N ARG A 35 -58.85 -43.58 -27.89
CA ARG A 35 -58.26 -43.90 -29.19
C ARG A 35 -58.18 -45.41 -29.42
N ALA A 36 -58.38 -45.84 -30.67
CA ALA A 36 -58.32 -47.24 -31.07
C ALA A 36 -56.87 -47.72 -31.07
N ALA A 37 -56.55 -48.67 -30.16
CA ALA A 37 -55.22 -49.26 -30.00
C ALA A 37 -55.32 -50.69 -29.42
N PRO A 38 -54.53 -51.67 -29.92
CA PRO A 38 -54.60 -53.04 -29.37
C PRO A 38 -54.06 -53.11 -27.94
N CYS A 39 -54.85 -53.73 -27.04
CA CYS A 39 -54.53 -53.83 -25.61
C CYS A 39 -53.63 -55.04 -25.31
N GLU A 40 -52.71 -54.84 -24.37
CA GLU A 40 -51.78 -55.85 -23.87
C GLU A 40 -51.82 -55.86 -22.33
N PRO A 41 -51.76 -57.03 -21.65
CA PRO A 41 -51.82 -57.04 -20.18
C PRO A 41 -50.64 -56.32 -19.52
N LEU A 42 -50.90 -55.66 -18.38
CA LEU A 42 -49.91 -54.91 -17.60
C LEU A 42 -48.84 -55.82 -17.01
N ARG A 43 -47.56 -55.51 -17.30
CA ARG A 43 -46.39 -56.25 -16.81
C ARG A 43 -45.96 -55.73 -15.42
N TYR A 44 -46.48 -54.56 -15.02
CA TYR A 44 -46.24 -53.91 -13.73
C TYR A 44 -47.58 -53.54 -13.09
N ASN A 45 -47.83 -54.04 -11.88
CA ASN A 45 -49.07 -53.78 -11.15
C ASN A 45 -49.08 -52.38 -10.53
N VAL A 46 -47.89 -51.75 -10.44
CA VAL A 46 -47.70 -50.44 -9.81
C VAL A 46 -47.14 -49.39 -10.82
N CYS A 47 -47.63 -48.15 -10.73
CA CYS A 47 -47.22 -47.02 -11.57
C CYS A 47 -46.74 -45.88 -10.66
N LEU A 48 -45.41 -45.64 -10.66
CA LEU A 48 -44.71 -44.62 -9.88
C LEU A 48 -45.06 -44.66 -8.35
N GLY A 49 -45.15 -45.87 -7.80
CA GLY A 49 -45.44 -46.08 -6.38
C GLY A 49 -46.89 -46.28 -5.99
N SER A 50 -47.82 -46.18 -6.97
CA SER A 50 -49.27 -46.35 -6.75
C SER A 50 -49.84 -47.51 -7.60
N VAL A 51 -50.54 -48.47 -6.96
CA VAL A 51 -51.15 -49.64 -7.62
C VAL A 51 -52.28 -49.15 -8.57
N LEU A 52 -52.44 -49.81 -9.74
CA LEU A 52 -53.39 -49.45 -10.79
C LEU A 52 -54.75 -50.16 -10.67
N PRO A 53 -55.86 -49.42 -10.92
CA PRO A 53 -57.21 -50.04 -10.82
C PRO A 53 -57.61 -50.89 -12.03
N TYR A 54 -56.79 -50.93 -13.08
CA TYR A 54 -57.06 -51.66 -14.33
C TYR A 54 -55.94 -52.68 -14.60
N GLY A 55 -56.17 -53.54 -15.60
CA GLY A 55 -55.24 -54.62 -15.95
C GLY A 55 -54.55 -54.59 -17.30
N ALA A 56 -55.03 -53.77 -18.26
CA ALA A 56 -54.42 -53.70 -19.59
C ALA A 56 -53.93 -52.28 -19.93
N THR A 57 -52.84 -52.20 -20.72
CA THR A 57 -52.22 -50.93 -21.11
C THR A 57 -51.85 -50.90 -22.62
N SER A 58 -51.39 -49.72 -23.10
CA SER A 58 -50.96 -49.48 -24.48
C SER A 58 -49.83 -48.44 -24.52
N THR A 59 -48.74 -48.76 -25.27
CA THR A 59 -47.57 -47.88 -25.43
C THR A 59 -47.72 -46.99 -26.68
N LEU A 60 -48.98 -46.65 -27.01
CA LEU A 60 -49.37 -45.81 -28.14
C LEU A 60 -49.30 -44.33 -27.77
N LEU A 61 -49.64 -44.00 -26.51
CA LEU A 61 -49.66 -42.62 -26.02
C LEU A 61 -48.24 -42.08 -25.80
N ALA A 62 -47.29 -42.97 -25.46
CA ALA A 62 -45.89 -42.62 -25.29
C ALA A 62 -45.16 -42.85 -26.63
N GLY A 63 -44.73 -41.74 -27.24
CA GLY A 63 -44.04 -41.76 -28.54
C GLY A 63 -42.64 -42.32 -28.47
N ASP A 64 -41.97 -42.09 -27.33
CA ASP A 64 -40.60 -42.56 -27.06
C ASP A 64 -40.55 -44.06 -26.77
N SER A 65 -41.68 -44.66 -26.36
CA SER A 65 -41.78 -46.08 -26.00
C SER A 65 -42.55 -46.90 -27.02
N ASP A 66 -42.11 -48.15 -27.21
CA ASP A 66 -42.71 -49.16 -28.09
C ASP A 66 -43.07 -50.40 -27.27
N SER A 67 -42.27 -50.67 -26.21
CA SER A 67 -42.44 -51.77 -25.27
C SER A 67 -42.86 -51.26 -23.90
N GLN A 68 -43.48 -52.15 -23.08
CA GLN A 68 -43.87 -51.83 -21.70
C GLN A 68 -42.63 -51.65 -20.83
N GLU A 69 -41.56 -52.40 -21.17
CA GLU A 69 -40.25 -52.37 -20.51
C GLU A 69 -39.56 -51.04 -20.78
N GLU A 70 -39.69 -50.52 -22.02
CA GLU A 70 -39.15 -49.24 -22.46
C GLU A 70 -39.87 -48.11 -21.73
N ALA A 71 -41.22 -48.21 -21.63
CA ALA A 71 -42.08 -47.24 -20.95
C ALA A 71 -41.69 -47.12 -19.48
N HIS A 72 -41.44 -48.27 -18.82
CA HIS A 72 -41.04 -48.35 -17.41
C HIS A 72 -39.70 -47.66 -17.17
N GLY A 73 -38.76 -47.86 -18.11
CA GLY A 73 -37.43 -47.26 -18.06
C GLY A 73 -37.45 -45.75 -18.21
N LYS A 74 -38.38 -45.25 -19.04
CA LYS A 74 -38.57 -43.80 -19.27
C LYS A 74 -39.18 -43.16 -18.02
N LEU A 75 -40.03 -43.91 -17.29
CA LEU A 75 -40.65 -43.50 -16.03
C LEU A 75 -39.58 -43.35 -14.94
N VAL A 76 -38.51 -44.17 -15.01
CA VAL A 76 -37.37 -44.14 -14.08
C VAL A 76 -36.55 -42.84 -14.38
N LEU A 77 -36.52 -42.42 -15.67
CA LEU A 77 -35.85 -41.18 -16.10
C LEU A 77 -36.66 -39.96 -15.64
N TRP A 78 -37.99 -40.04 -15.78
CA TRP A 78 -38.90 -38.97 -15.37
C TRP A 78 -39.00 -38.87 -13.84
N SER A 79 -38.74 -39.98 -13.11
CA SER A 79 -38.78 -39.99 -11.64
C SER A 79 -37.59 -39.19 -11.03
N GLY A 80 -36.83 -38.53 -11.89
CA GLY A 80 -35.72 -37.66 -11.51
C GLY A 80 -36.21 -36.27 -11.14
N LEU A 81 -37.52 -36.06 -11.32
CA LEU A 81 -38.23 -34.82 -11.00
C LEU A 81 -38.85 -34.93 -9.61
N ARG A 82 -38.43 -35.98 -8.84
CA ARG A 82 -38.80 -36.24 -7.46
C ARG A 82 -38.37 -35.04 -6.63
N ASN A 83 -37.23 -34.43 -7.06
CA ASN A 83 -36.62 -33.18 -6.63
C ASN A 83 -37.34 -32.08 -7.40
N ALA A 84 -37.84 -31.05 -6.70
CA ALA A 84 -38.74 -29.96 -7.16
C ALA A 84 -40.17 -30.49 -6.92
N PRO A 85 -40.61 -30.51 -5.63
CA PRO A 85 -41.90 -31.13 -5.29
C PRO A 85 -43.13 -30.56 -6.00
N ARG A 86 -43.25 -29.21 -6.13
CA ARG A 86 -44.39 -28.55 -6.79
C ARG A 86 -44.62 -29.06 -8.20
N CYS A 87 -43.57 -29.52 -8.89
CA CYS A 87 -43.68 -30.10 -10.21
C CYS A 87 -44.04 -31.59 -10.11
N TRP A 88 -43.38 -32.34 -9.19
CA TRP A 88 -43.59 -33.77 -8.96
C TRP A 88 -45.03 -34.10 -8.60
N ALA A 89 -45.72 -33.22 -7.84
CA ALA A 89 -47.10 -33.40 -7.41
C ALA A 89 -48.09 -33.46 -8.58
N VAL A 90 -47.84 -32.67 -9.64
CA VAL A 90 -48.74 -32.62 -10.81
C VAL A 90 -48.24 -33.47 -11.99
N ILE A 91 -46.92 -33.77 -12.09
CA ILE A 91 -46.39 -34.55 -13.21
C ILE A 91 -46.72 -36.05 -13.05
N GLN A 92 -46.73 -36.59 -11.80
CA GLN A 92 -47.00 -38.00 -11.51
C GLN A 92 -48.30 -38.52 -12.18
N PRO A 93 -49.49 -37.86 -12.05
CA PRO A 93 -50.70 -38.39 -12.72
C PRO A 93 -50.64 -38.31 -14.24
N LEU A 94 -49.93 -37.29 -14.79
CA LEU A 94 -49.77 -37.10 -16.23
C LEU A 94 -48.93 -38.21 -16.85
N LEU A 95 -47.80 -38.57 -16.20
CA LEU A 95 -46.87 -39.60 -16.68
C LEU A 95 -47.52 -40.99 -16.71
N CYS A 96 -48.31 -41.34 -15.66
CA CYS A 96 -49.01 -42.63 -15.63
C CYS A 96 -50.05 -42.67 -16.72
N ALA A 97 -50.77 -41.55 -16.94
CA ALA A 97 -51.80 -41.39 -17.97
C ALA A 97 -51.24 -41.49 -19.41
N VAL A 98 -49.92 -41.31 -19.60
CA VAL A 98 -49.26 -41.37 -20.91
C VAL A 98 -48.49 -42.70 -21.07
N TYR A 99 -47.61 -43.03 -20.11
CA TYR A 99 -46.76 -44.21 -20.14
C TYR A 99 -47.51 -45.52 -19.83
N MET A 100 -48.34 -45.55 -18.77
CA MET A 100 -49.10 -46.75 -18.43
C MET A 100 -50.62 -46.44 -18.46
N PRO A 101 -51.23 -46.10 -19.64
CA PRO A 101 -52.66 -45.76 -19.64
C PRO A 101 -53.58 -46.96 -19.65
N LYS A 102 -54.87 -46.74 -19.33
CA LYS A 102 -55.87 -47.80 -19.31
C LYS A 102 -56.30 -48.17 -20.71
N CYS A 103 -56.20 -49.47 -21.03
CA CYS A 103 -56.64 -50.03 -22.30
C CYS A 103 -57.75 -51.05 -22.01
N GLU A 104 -58.93 -50.87 -22.61
CA GLU A 104 -60.07 -51.77 -22.41
C GLU A 104 -60.84 -51.93 -23.71
N ASN A 105 -60.97 -53.20 -24.17
CA ASN A 105 -61.66 -53.64 -25.38
C ASN A 105 -61.18 -52.85 -26.62
N ASP A 106 -59.86 -53.00 -26.93
CA ASP A 106 -59.12 -52.38 -28.03
C ASP A 106 -59.30 -50.84 -28.07
N ARG A 107 -59.37 -50.21 -26.87
CA ARG A 107 -59.51 -48.76 -26.73
C ARG A 107 -58.67 -48.27 -25.56
N VAL A 108 -57.78 -47.30 -25.82
CA VAL A 108 -56.92 -46.70 -24.79
C VAL A 108 -57.50 -45.32 -24.40
N GLU A 109 -57.60 -45.07 -23.09
CA GLU A 109 -58.13 -43.82 -22.55
C GLU A 109 -57.08 -42.69 -22.62
N LEU A 110 -57.42 -41.61 -23.33
CA LEU A 110 -56.56 -40.43 -23.51
C LEU A 110 -56.58 -39.52 -22.27
N PRO A 111 -55.45 -38.88 -21.91
CA PRO A 111 -55.48 -37.96 -20.75
C PRO A 111 -56.13 -36.62 -21.14
N SER A 112 -56.80 -35.95 -20.17
CA SER A 112 -57.46 -34.67 -20.44
C SER A 112 -56.46 -33.52 -20.56
N ARG A 113 -56.89 -32.41 -21.19
CA ARG A 113 -56.09 -31.20 -21.39
C ARG A 113 -55.70 -30.57 -20.02
N THR A 114 -56.69 -30.50 -19.09
CA THR A 114 -56.54 -29.94 -17.74
C THR A 114 -55.44 -30.64 -16.92
N LEU A 115 -55.20 -31.94 -17.21
CA LEU A 115 -54.18 -32.76 -16.56
C LEU A 115 -52.79 -32.37 -17.09
N CYS A 116 -52.71 -32.08 -18.40
CA CYS A 116 -51.49 -31.69 -19.10
C CYS A 116 -51.10 -30.24 -18.75
N GLN A 117 -52.05 -29.30 -18.87
CA GLN A 117 -51.87 -27.87 -18.62
C GLN A 117 -51.42 -27.55 -17.18
N ALA A 118 -51.81 -28.39 -16.22
CA ALA A 118 -51.48 -28.24 -14.80
C ALA A 118 -49.98 -28.40 -14.51
N THR A 119 -49.22 -29.06 -15.41
CA THR A 119 -47.77 -29.28 -15.25
C THR A 119 -46.94 -28.14 -15.83
N ARG A 120 -47.36 -27.54 -16.97
CA ARG A 120 -46.66 -26.46 -17.70
C ARG A 120 -46.01 -25.41 -16.78
N GLY A 121 -46.76 -24.99 -15.75
CA GLY A 121 -46.34 -24.01 -14.76
C GLY A 121 -45.24 -24.46 -13.84
N PRO A 122 -45.51 -25.38 -12.87
CA PRO A 122 -44.46 -25.80 -11.94
C PRO A 122 -43.34 -26.64 -12.58
N CYS A 123 -43.64 -27.37 -13.68
CA CYS A 123 -42.65 -28.18 -14.41
C CYS A 123 -42.03 -27.36 -15.55
N ALA A 124 -41.70 -26.08 -15.26
CA ALA A 124 -41.06 -25.13 -16.17
C ALA A 124 -39.61 -25.52 -16.41
N ILE A 125 -39.01 -26.27 -15.45
CA ILE A 125 -37.64 -26.80 -15.47
C ILE A 125 -37.44 -27.72 -16.70
N VAL A 126 -38.51 -28.43 -17.14
CA VAL A 126 -38.52 -29.37 -18.29
C VAL A 126 -38.31 -28.61 -19.60
N GLU A 127 -39.09 -27.55 -19.87
CA GLU A 127 -38.99 -26.77 -21.11
C GLU A 127 -37.73 -25.89 -21.16
N ARG A 128 -37.11 -25.61 -19.99
CA ARG A 128 -35.87 -24.81 -19.91
C ARG A 128 -34.63 -25.64 -20.23
N GLU A 129 -34.61 -26.93 -19.83
CA GLU A 129 -33.43 -27.76 -20.01
C GLU A 129 -33.49 -28.67 -21.27
N ARG A 130 -34.43 -29.63 -21.36
CA ARG A 130 -34.46 -30.53 -22.54
C ARG A 130 -35.67 -30.26 -23.46
N GLY A 131 -36.61 -29.43 -23.01
CA GLY A 131 -37.82 -29.14 -23.76
C GLY A 131 -38.87 -30.24 -23.63
N TRP A 132 -40.16 -29.86 -23.73
CA TRP A 132 -41.25 -30.82 -23.63
C TRP A 132 -41.33 -31.69 -24.89
N PRO A 133 -41.47 -33.04 -24.73
CA PRO A 133 -41.57 -33.90 -25.93
C PRO A 133 -42.89 -33.66 -26.67
N ASP A 134 -42.88 -33.89 -27.99
CA ASP A 134 -44.02 -33.69 -28.90
C ASP A 134 -45.35 -34.29 -28.39
N PHE A 135 -45.27 -35.51 -27.78
CA PHE A 135 -46.43 -36.22 -27.24
C PHE A 135 -46.81 -35.72 -25.84
N LEU A 136 -45.95 -34.92 -25.19
CA LEU A 136 -46.23 -34.38 -23.86
C LEU A 136 -46.59 -32.88 -23.91
N ARG A 137 -46.65 -32.29 -25.12
CA ARG A 137 -47.11 -30.90 -25.31
C ARG A 137 -48.63 -30.93 -25.33
N CYS A 138 -49.30 -29.95 -24.68
CA CYS A 138 -50.76 -29.93 -24.59
C CYS A 138 -51.45 -29.52 -25.92
N THR A 139 -51.44 -30.49 -26.85
CA THR A 139 -52.05 -30.45 -28.17
C THR A 139 -53.55 -30.75 -27.98
N PRO A 140 -54.48 -30.00 -28.63
CA PRO A 140 -55.92 -30.31 -28.46
C PRO A 140 -56.28 -31.75 -28.85
N ASP A 141 -55.46 -32.38 -29.73
CA ASP A 141 -55.67 -33.76 -30.17
C ASP A 141 -55.13 -34.77 -29.15
N ARG A 142 -53.85 -34.61 -28.74
CA ARG A 142 -53.13 -35.51 -27.82
C ARG A 142 -53.73 -35.51 -26.40
N PHE A 143 -54.33 -34.37 -26.02
CA PHE A 143 -54.96 -34.16 -24.72
C PHE A 143 -56.31 -33.45 -24.94
N PRO A 144 -57.41 -34.21 -25.19
CA PRO A 144 -58.71 -33.57 -25.43
C PRO A 144 -59.30 -32.98 -24.17
N GLU A 145 -60.23 -32.03 -24.30
CA GLU A 145 -60.85 -31.36 -23.16
C GLU A 145 -61.89 -32.23 -22.45
N GLY A 146 -61.93 -32.06 -21.12
CA GLY A 146 -62.87 -32.72 -20.20
C GLY A 146 -62.99 -34.22 -20.26
N CYS A 147 -61.84 -34.91 -20.31
CA CYS A 147 -61.82 -36.38 -20.32
C CYS A 147 -61.77 -36.94 -18.91
N THR A 148 -62.42 -38.11 -18.71
CA THR A 148 -62.40 -38.83 -17.44
C THR A 148 -61.01 -39.48 -17.40
N ASN A 149 -60.09 -38.79 -16.72
CA ASN A 149 -58.66 -39.11 -16.65
C ASN A 149 -58.30 -40.54 -16.20
N GLU A 150 -59.04 -41.10 -15.19
CA GLU A 150 -58.82 -42.42 -14.56
C GLU A 150 -57.71 -42.31 -13.51
N VAL A 151 -56.70 -41.44 -13.76
CA VAL A 151 -55.58 -41.16 -12.85
C VAL A 151 -56.06 -40.28 -11.69
N GLN A 152 -57.25 -39.67 -11.82
CA GLN A 152 -57.92 -38.87 -10.80
C GLN A 152 -58.33 -39.80 -9.65
N ASN A 153 -58.60 -41.09 -9.98
CA ASN A 153 -58.96 -42.16 -9.05
C ASN A 153 -57.72 -42.74 -8.36
N ILE A 154 -56.53 -42.50 -8.92
CA ILE A 154 -55.28 -43.00 -8.37
C ILE A 154 -54.67 -41.91 -7.47
N LYS A 155 -54.36 -42.29 -6.22
CA LYS A 155 -53.77 -41.41 -5.22
C LYS A 155 -52.23 -41.50 -5.28
N PHE A 156 -51.56 -40.36 -5.57
CA PHE A 156 -50.10 -40.26 -5.63
C PHE A 156 -49.59 -39.60 -4.35
N ASN A 157 -49.36 -40.43 -3.33
CA ASN A 157 -48.92 -40.09 -1.97
C ASN A 157 -47.60 -39.31 -1.92
N SER A 158 -46.69 -39.56 -2.87
CA SER A 158 -45.36 -38.91 -2.91
C SER A 158 -45.45 -37.42 -3.20
N SER A 159 -44.96 -36.59 -2.26
CA SER A 159 -44.96 -35.14 -2.37
C SER A 159 -43.65 -34.63 -2.94
N GLY A 160 -42.55 -35.26 -2.54
CA GLY A 160 -41.23 -34.88 -3.03
C GLY A 160 -40.34 -34.27 -1.97
N GLN A 161 -39.03 -34.28 -2.27
CA GLN A 161 -37.95 -33.80 -1.42
C GLN A 161 -36.93 -33.04 -2.25
N CYS A 162 -36.10 -32.23 -1.60
CA CYS A 162 -35.09 -31.38 -2.21
C CYS A 162 -33.69 -31.99 -2.11
N GLU A 163 -32.96 -31.99 -3.23
CA GLU A 163 -31.59 -32.51 -3.34
C GLU A 163 -30.57 -31.43 -2.93
N VAL A 164 -29.44 -31.84 -2.33
CA VAL A 164 -28.33 -30.99 -1.87
C VAL A 164 -27.86 -30.08 -3.03
N PRO A 165 -27.66 -28.75 -2.84
CA PRO A 165 -27.70 -27.98 -1.58
C PRO A 165 -29.05 -27.30 -1.29
N LEU A 166 -30.16 -27.84 -1.78
CA LEU A 166 -31.47 -27.25 -1.53
C LEU A 166 -32.15 -27.95 -0.36
N VAL A 167 -33.03 -27.23 0.35
CA VAL A 167 -33.81 -27.73 1.49
C VAL A 167 -35.32 -27.55 1.19
N ARG A 168 -36.14 -28.49 1.68
CA ARG A 168 -37.60 -28.50 1.51
C ARG A 168 -38.25 -27.32 2.24
N THR A 169 -39.02 -26.52 1.49
CA THR A 169 -39.74 -25.36 2.00
C THR A 169 -41.07 -25.20 1.27
N ASP A 170 -42.10 -24.74 1.99
CA ASP A 170 -43.43 -24.51 1.42
C ASP A 170 -43.67 -23.00 1.23
N ASN A 171 -42.77 -22.14 1.75
CA ASN A 171 -42.82 -20.69 1.59
C ASN A 171 -42.40 -20.29 0.16
N PRO A 172 -43.28 -19.59 -0.60
CA PRO A 172 -42.94 -19.26 -2.01
C PRO A 172 -41.85 -18.19 -2.20
N LYS A 173 -41.59 -17.37 -1.18
CA LYS A 173 -40.59 -16.31 -1.23
C LYS A 173 -39.15 -16.86 -1.16
N SER A 174 -39.01 -18.13 -0.68
CA SER A 174 -37.73 -18.80 -0.48
C SER A 174 -37.34 -19.76 -1.65
N TRP A 175 -38.28 -20.05 -2.59
CA TRP A 175 -38.05 -20.98 -3.70
C TRP A 175 -36.99 -20.50 -4.69
N TYR A 176 -36.06 -21.41 -5.03
CA TYR A 176 -34.95 -21.17 -5.94
C TYR A 176 -35.39 -21.27 -7.42
N GLU A 177 -35.46 -20.10 -8.10
CA GLU A 177 -35.84 -19.88 -9.50
C GLU A 177 -36.97 -20.85 -9.97
N ASP A 178 -36.79 -21.61 -11.07
CA ASP A 178 -37.81 -22.51 -11.63
C ASP A 178 -38.11 -23.73 -10.72
N VAL A 179 -37.16 -24.10 -9.82
CA VAL A 179 -37.29 -25.21 -8.88
C VAL A 179 -38.18 -24.75 -7.70
N GLU A 180 -39.49 -25.02 -7.78
CA GLU A 180 -40.44 -24.63 -6.74
C GLU A 180 -40.53 -25.73 -5.67
N GLY A 181 -40.59 -25.31 -4.41
CA GLY A 181 -40.64 -26.20 -3.28
C GLY A 181 -39.27 -26.38 -2.62
N CYS A 182 -38.21 -25.88 -3.29
CA CYS A 182 -36.83 -25.96 -2.83
C CYS A 182 -36.21 -24.58 -2.67
N GLY A 183 -35.46 -24.41 -1.59
CA GLY A 183 -34.74 -23.17 -1.30
C GLY A 183 -33.31 -23.48 -0.91
N ILE A 184 -32.36 -22.56 -1.24
CA ILE A 184 -30.93 -22.77 -0.91
C ILE A 184 -30.79 -22.79 0.61
N GLN A 185 -30.10 -23.81 1.15
CA GLN A 185 -29.88 -23.98 2.59
C GLN A 185 -29.16 -22.76 3.19
N CYS A 186 -29.43 -22.46 4.47
CA CYS A 186 -28.89 -21.32 5.20
C CYS A 186 -27.36 -21.30 5.22
N GLN A 187 -26.72 -22.44 5.55
CA GLN A 187 -25.26 -22.54 5.56
C GLN A 187 -24.75 -22.56 4.13
N ASN A 188 -23.84 -21.63 3.79
CA ASN A 188 -23.26 -21.46 2.46
C ASN A 188 -22.78 -22.81 1.90
N PRO A 189 -23.46 -23.33 0.84
CA PRO A 189 -23.08 -24.64 0.30
C PRO A 189 -21.73 -24.67 -0.41
N LEU A 190 -21.25 -23.50 -0.88
CA LEU A 190 -19.98 -23.35 -1.58
C LEU A 190 -18.77 -23.52 -0.68
N PHE A 191 -18.96 -23.53 0.66
CA PHE A 191 -17.85 -23.62 1.60
C PHE A 191 -18.13 -24.64 2.71
N THR A 192 -17.07 -25.35 3.14
CA THR A 192 -17.13 -26.39 4.19
C THR A 192 -17.23 -25.75 5.58
N GLU A 193 -17.59 -26.57 6.60
CA GLU A 193 -17.71 -26.13 8.00
C GLU A 193 -16.32 -25.71 8.54
N ALA A 194 -15.24 -26.38 8.05
CA ALA A 194 -13.86 -26.06 8.40
C ALA A 194 -13.52 -24.65 7.94
N GLU A 195 -13.99 -24.26 6.74
CA GLU A 195 -13.80 -22.94 6.15
C GLU A 195 -14.69 -21.91 6.85
N HIS A 196 -15.89 -22.34 7.33
CA HIS A 196 -16.83 -21.49 8.05
C HIS A 196 -16.22 -21.04 9.38
N GLN A 197 -15.73 -21.99 10.20
CA GLN A 197 -15.10 -21.74 11.51
C GLN A 197 -13.81 -20.90 11.37
N ASP A 198 -13.05 -21.12 10.28
CA ASP A 198 -11.81 -20.41 9.97
C ASP A 198 -12.09 -18.93 9.64
N MET A 199 -13.16 -18.65 8.86
CA MET A 199 -13.54 -17.30 8.51
C MET A 199 -14.16 -16.60 9.73
N HIS A 200 -14.88 -17.34 10.59
CA HIS A 200 -15.48 -16.80 11.82
C HIS A 200 -14.39 -16.41 12.82
N SER A 201 -13.33 -17.25 12.97
CA SER A 201 -12.20 -16.97 13.85
C SER A 201 -11.43 -15.74 13.37
N TYR A 202 -11.38 -15.53 12.04
CA TYR A 202 -10.74 -14.39 11.38
C TYR A 202 -11.53 -13.10 11.67
N ILE A 203 -12.88 -13.17 11.55
CA ILE A 203 -13.78 -12.06 11.80
C ILE A 203 -13.78 -11.73 13.31
N ALA A 204 -13.73 -12.76 14.17
CA ALA A 204 -13.68 -12.59 15.63
C ALA A 204 -12.44 -11.83 16.07
N ALA A 205 -11.27 -12.17 15.49
CA ALA A 205 -9.98 -11.55 15.80
C ALA A 205 -9.92 -10.09 15.37
N PHE A 206 -10.23 -9.79 14.09
CA PHE A 206 -10.20 -8.42 13.55
C PHE A 206 -11.32 -7.56 14.09
N GLY A 207 -12.50 -8.14 14.30
CA GLY A 207 -13.68 -7.45 14.82
C GLY A 207 -13.52 -6.94 16.23
N ALA A 208 -12.97 -7.78 17.13
CA ALA A 208 -12.76 -7.45 18.54
C ALA A 208 -11.65 -6.41 18.73
N VAL A 209 -10.50 -6.56 18.03
CA VAL A 209 -9.39 -5.61 18.16
C VAL A 209 -9.83 -4.23 17.63
N THR A 210 -10.56 -4.17 16.49
CA THR A 210 -11.06 -2.90 15.94
C THR A 210 -12.06 -2.30 16.93
N GLY A 211 -12.91 -3.14 17.53
CA GLY A 211 -13.89 -2.76 18.52
C GLY A 211 -13.29 -2.12 19.76
N LEU A 212 -12.16 -2.67 20.22
CA LEU A 212 -11.41 -2.18 21.39
C LEU A 212 -10.58 -0.94 21.07
N CYS A 213 -10.00 -0.89 19.85
CA CYS A 213 -9.17 0.21 19.36
C CYS A 213 -9.99 1.47 19.16
N THR A 214 -11.16 1.35 18.50
CA THR A 214 -12.08 2.46 18.23
C THR A 214 -12.71 2.98 19.52
N LEU A 215 -13.14 2.06 20.42
CA LEU A 215 -13.74 2.40 21.70
C LEU A 215 -12.77 3.21 22.56
N PHE A 216 -11.49 2.79 22.62
CA PHE A 216 -10.42 3.47 23.37
C PHE A 216 -10.21 4.89 22.83
N THR A 217 -10.18 5.03 21.49
CA THR A 217 -10.01 6.29 20.77
C THR A 217 -11.21 7.20 21.03
N LEU A 218 -12.45 6.66 20.95
CA LEU A 218 -13.67 7.42 21.22
C LEU A 218 -13.70 7.90 22.67
N ALA A 219 -13.27 7.03 23.62
CA ALA A 219 -13.22 7.28 25.06
C ALA A 219 -12.30 8.48 25.41
N THR A 220 -11.13 8.61 24.74
CA THR A 220 -10.18 9.73 24.93
C THR A 220 -10.78 11.03 24.45
N PHE A 221 -11.51 10.99 23.32
CA PHE A 221 -12.16 12.15 22.71
C PHE A 221 -13.26 12.72 23.61
N VAL A 222 -14.10 11.84 24.20
CA VAL A 222 -15.20 12.26 25.07
C VAL A 222 -14.69 12.71 26.47
N ALA A 223 -13.54 12.18 26.93
CA ALA A 223 -12.94 12.52 28.24
C ALA A 223 -12.41 13.96 28.23
N ASP A 224 -11.93 14.44 27.07
CA ASP A 224 -11.39 15.79 26.85
C ASP A 224 -12.18 16.46 25.70
N TRP A 225 -13.52 16.34 25.77
CA TRP A 225 -14.52 16.74 24.77
C TRP A 225 -14.46 18.17 24.23
N ARG A 226 -14.29 19.21 25.07
CA ARG A 226 -14.24 20.58 24.55
C ARG A 226 -12.94 20.90 23.76
N ASN A 227 -11.83 20.26 24.15
CA ASN A 227 -10.58 20.44 23.41
C ASN A 227 -10.56 19.52 22.17
N SER A 228 -11.08 18.28 22.31
CA SER A 228 -11.14 17.28 21.24
C SER A 228 -12.07 17.71 20.09
N ASN A 229 -13.24 18.30 20.42
CA ASN A 229 -14.27 18.74 19.45
C ASN A 229 -13.80 20.00 18.71
N ARG A 230 -12.74 19.84 17.89
CA ARG A 230 -12.13 20.90 17.08
C ARG A 230 -11.56 20.29 15.80
N TYR A 231 -11.91 20.88 14.64
CA TYR A 231 -11.46 20.44 13.31
C TYR A 231 -9.95 20.69 13.14
N PRO A 232 -9.18 19.79 12.50
CA PRO A 232 -9.57 18.52 11.86
C PRO A 232 -9.49 17.28 12.77
N ALA A 233 -9.10 17.45 14.05
CA ALA A 233 -8.97 16.37 15.03
C ALA A 233 -10.30 15.64 15.27
N VAL A 234 -11.42 16.38 15.25
CA VAL A 234 -12.78 15.87 15.47
C VAL A 234 -13.23 14.94 14.30
N ILE A 235 -12.65 15.08 13.09
CA ILE A 235 -12.99 14.26 11.92
C ILE A 235 -12.70 12.78 12.23
N LEU A 236 -11.51 12.50 12.80
CA LEU A 236 -11.08 11.14 13.14
C LEU A 236 -11.94 10.52 14.25
N PHE A 237 -12.59 11.34 15.10
CA PHE A 237 -13.51 10.86 16.14
C PHE A 237 -14.73 10.23 15.48
N TYR A 238 -15.33 10.96 14.52
CA TYR A 238 -16.49 10.51 13.74
C TYR A 238 -16.14 9.37 12.82
N VAL A 239 -14.86 9.30 12.36
CA VAL A 239 -14.34 8.21 11.53
C VAL A 239 -14.31 6.95 12.40
N ASN A 240 -13.75 7.06 13.63
CA ASN A 240 -13.67 5.99 14.61
C ASN A 240 -15.04 5.56 15.12
N ALA A 241 -16.01 6.50 15.16
CA ALA A 241 -17.39 6.25 15.56
C ALA A 241 -18.06 5.27 14.59
N CYS A 242 -17.81 5.45 13.29
CA CYS A 242 -18.33 4.63 12.20
C CYS A 242 -17.77 3.21 12.28
N PHE A 243 -16.43 3.07 12.43
CA PHE A 243 -15.77 1.77 12.53
C PHE A 243 -16.12 1.06 13.85
N PHE A 244 -16.58 1.80 14.88
CA PHE A 244 -17.00 1.21 16.14
C PHE A 244 -18.40 0.59 16.00
N VAL A 245 -19.35 1.37 15.44
CA VAL A 245 -20.75 0.96 15.21
C VAL A 245 -20.76 -0.24 14.24
N GLY A 246 -19.92 -0.17 13.21
CA GLY A 246 -19.75 -1.22 12.22
C GLY A 246 -19.25 -2.53 12.81
N SER A 247 -18.29 -2.44 13.78
CA SER A 247 -17.71 -3.58 14.49
C SER A 247 -18.75 -4.30 15.34
N ILE A 248 -19.70 -3.55 15.94
CA ILE A 248 -20.81 -4.06 16.75
C ILE A 248 -21.68 -5.00 15.88
N GLY A 249 -21.94 -4.56 14.65
CA GLY A 249 -22.71 -5.32 13.66
C GLY A 249 -22.00 -6.59 13.19
N TRP A 250 -20.68 -6.50 12.99
CA TRP A 250 -19.84 -7.61 12.56
C TRP A 250 -19.64 -8.65 13.68
N LEU A 251 -19.66 -8.21 14.96
CA LEU A 251 -19.47 -9.08 16.12
C LEU A 251 -20.78 -9.65 16.68
N ALA A 252 -21.94 -9.16 16.18
CA ALA A 252 -23.28 -9.56 16.60
C ALA A 252 -23.51 -11.07 16.50
N GLN A 253 -23.07 -11.67 15.38
CA GLN A 253 -23.16 -13.09 15.03
C GLN A 253 -22.55 -14.04 16.09
N PHE A 254 -21.56 -13.54 16.87
CA PHE A 254 -20.85 -14.33 17.87
C PHE A 254 -21.65 -14.54 19.17
N MET A 255 -22.84 -13.94 19.26
CA MET A 255 -23.76 -14.16 20.38
C MET A 255 -24.44 -15.52 20.19
N ASP A 256 -24.82 -16.18 21.31
CA ASP A 256 -25.44 -17.50 21.32
C ASP A 256 -26.66 -17.59 20.38
N GLY A 257 -26.46 -18.27 19.25
CA GLY A 257 -27.47 -18.49 18.22
C GLY A 257 -27.91 -17.28 17.43
N ALA A 258 -27.15 -16.17 17.51
CA ALA A 258 -27.46 -14.92 16.81
C ALA A 258 -27.22 -15.00 15.31
N ARG A 259 -26.13 -15.68 14.89
CA ARG A 259 -25.77 -15.84 13.47
C ARG A 259 -26.92 -16.46 12.67
N ARG A 260 -27.57 -17.49 13.24
CA ARG A 260 -28.69 -18.19 12.61
C ARG A 260 -29.97 -17.34 12.66
N GLU A 261 -30.09 -16.41 13.62
CA GLU A 261 -31.23 -15.49 13.74
C GLU A 261 -31.13 -14.41 12.65
N ILE A 262 -29.89 -14.03 12.26
CA ILE A 262 -29.62 -12.99 11.27
C ILE A 262 -29.54 -13.57 9.84
N VAL A 263 -28.89 -14.73 9.67
CA VAL A 263 -28.67 -15.32 8.33
C VAL A 263 -29.80 -16.27 7.89
N CYS A 264 -30.29 -17.17 8.76
CA CYS A 264 -31.32 -18.15 8.38
C CYS A 264 -32.74 -17.57 8.38
N ARG A 265 -33.56 -18.13 7.48
CA ARG A 265 -34.99 -17.84 7.36
C ARG A 265 -35.74 -18.78 8.31
N ALA A 266 -37.06 -18.57 8.51
CA ALA A 266 -37.89 -19.38 9.40
C ALA A 266 -37.88 -20.86 8.99
N ASP A 267 -37.92 -21.14 7.67
CA ASP A 267 -37.95 -22.48 7.10
C ASP A 267 -36.59 -23.19 7.18
N GLY A 268 -35.49 -22.44 7.07
CA GLY A 268 -34.14 -22.98 7.13
C GLY A 268 -33.29 -22.64 5.93
N THR A 269 -33.77 -21.69 5.11
CA THR A 269 -33.07 -21.21 3.91
C THR A 269 -32.29 -19.92 4.22
N MET A 270 -31.55 -19.41 3.23
CA MET A 270 -30.80 -18.15 3.33
C MET A 270 -31.74 -16.98 3.29
N ARG A 271 -31.45 -15.91 4.06
CA ARG A 271 -32.29 -14.71 4.02
C ARG A 271 -31.93 -13.92 2.76
N LEU A 272 -32.80 -13.96 1.75
CA LEU A 272 -32.58 -13.27 0.48
C LEU A 272 -33.79 -12.43 0.11
N GLY A 273 -33.54 -11.27 -0.50
CA GLY A 273 -34.57 -10.35 -0.93
C GLY A 273 -35.31 -9.63 0.18
N GLU A 274 -34.67 -9.51 1.37
CA GLU A 274 -35.22 -8.83 2.56
C GLU A 274 -35.38 -7.30 2.30
N PRO A 275 -36.27 -6.52 2.98
CA PRO A 275 -37.11 -6.81 4.18
C PRO A 275 -38.18 -7.90 4.10
N THR A 276 -38.74 -8.19 2.90
CA THR A 276 -39.85 -9.14 2.64
C THR A 276 -41.09 -8.75 3.49
N SER A 277 -41.69 -9.72 4.26
CA SER A 277 -42.88 -9.43 5.06
C SER A 277 -42.97 -10.16 6.42
N ASN A 278 -43.10 -11.51 6.39
CA ASN A 278 -43.31 -12.35 7.58
C ASN A 278 -42.04 -12.75 8.38
N GLU A 279 -40.86 -12.21 8.00
CA GLU A 279 -39.61 -12.52 8.71
C GLU A 279 -39.27 -11.43 9.75
N THR A 280 -38.39 -11.76 10.72
CA THR A 280 -37.95 -10.82 11.78
C THR A 280 -37.01 -9.76 11.19
N LEU A 281 -36.91 -8.61 11.86
CA LEU A 281 -36.07 -7.48 11.42
C LEU A 281 -34.56 -7.71 11.69
N SER A 282 -34.19 -8.76 12.46
CA SER A 282 -32.82 -9.12 12.83
C SER A 282 -31.80 -9.01 11.68
N CYS A 283 -32.22 -9.30 10.43
CA CYS A 283 -31.36 -9.22 9.25
C CYS A 283 -31.16 -7.75 8.80
N VAL A 284 -32.27 -7.01 8.55
CA VAL A 284 -32.22 -5.61 8.10
C VAL A 284 -31.60 -4.71 9.17
N ILE A 285 -31.82 -5.01 10.48
CA ILE A 285 -31.25 -4.26 11.60
C ILE A 285 -29.72 -4.30 11.50
N ILE A 286 -29.14 -5.51 11.38
CA ILE A 286 -27.68 -5.71 11.27
C ILE A 286 -27.19 -5.09 9.95
N PHE A 287 -27.98 -5.18 8.86
CA PHE A 287 -27.61 -4.58 7.58
C PHE A 287 -27.42 -3.08 7.71
N VAL A 288 -28.42 -2.37 8.28
CA VAL A 288 -28.39 -0.91 8.46
C VAL A 288 -27.15 -0.55 9.33
N ILE A 289 -26.95 -1.25 10.47
CA ILE A 289 -25.82 -1.06 11.39
C ILE A 289 -24.47 -1.17 10.64
N VAL A 290 -24.30 -2.20 9.80
CA VAL A 290 -23.06 -2.44 9.06
C VAL A 290 -22.92 -1.45 7.87
N TYR A 291 -23.88 -1.46 6.92
CA TYR A 291 -23.82 -0.65 5.70
C TYR A 291 -23.82 0.86 5.97
N TYR A 292 -24.74 1.38 6.83
CA TYR A 292 -24.79 2.82 7.12
C TYR A 292 -23.46 3.29 7.68
N ALA A 293 -22.92 2.58 8.70
CA ALA A 293 -21.63 2.89 9.33
C ALA A 293 -20.47 2.79 8.33
N LEU A 294 -20.55 1.84 7.37
CA LEU A 294 -19.53 1.62 6.34
C LEU A 294 -19.45 2.83 5.39
N MET A 295 -20.61 3.23 4.81
CA MET A 295 -20.72 4.34 3.87
C MET A 295 -20.51 5.69 4.54
N ALA A 296 -20.87 5.83 5.83
CA ALA A 296 -20.64 7.07 6.59
C ALA A 296 -19.14 7.25 6.86
N GLY A 297 -18.44 6.14 7.03
CA GLY A 297 -16.99 6.10 7.25
C GLY A 297 -16.20 6.53 6.04
N PHE A 298 -16.71 6.22 4.83
CA PHE A 298 -16.06 6.60 3.57
C PHE A 298 -16.25 8.07 3.25
N VAL A 299 -17.42 8.66 3.55
CA VAL A 299 -17.67 10.08 3.29
C VAL A 299 -16.95 10.94 4.35
N TRP A 300 -16.75 10.41 5.58
CA TRP A 300 -15.99 11.10 6.63
C TRP A 300 -14.51 11.11 6.26
N PHE A 301 -14.07 10.10 5.49
CA PHE A 301 -12.70 9.99 4.96
C PHE A 301 -12.49 11.09 3.92
N VAL A 302 -13.51 11.33 3.08
CA VAL A 302 -13.48 12.37 2.04
C VAL A 302 -13.40 13.75 2.73
N VAL A 303 -14.11 13.91 3.86
CA VAL A 303 -14.10 15.14 4.68
C VAL A 303 -12.66 15.36 5.21
N LEU A 304 -11.96 14.25 5.56
CA LEU A 304 -10.59 14.26 6.03
C LEU A 304 -9.65 14.69 4.89
N THR A 305 -9.84 14.13 3.66
CA THR A 305 -9.03 14.46 2.48
C THR A 305 -9.26 15.93 2.09
N TYR A 306 -10.51 16.43 2.24
CA TYR A 306 -10.87 17.82 1.95
C TYR A 306 -10.24 18.77 2.99
N ALA A 307 -10.22 18.34 4.29
CA ALA A 307 -9.63 19.11 5.39
C ALA A 307 -8.13 19.31 5.18
N TRP A 308 -7.45 18.23 4.76
CA TRP A 308 -6.02 18.23 4.48
C TRP A 308 -5.71 19.06 3.22
N HIS A 309 -6.64 19.11 2.25
CA HIS A 309 -6.53 19.89 1.03
C HIS A 309 -6.61 21.40 1.33
N THR A 310 -7.60 21.79 2.17
CA THR A 310 -7.88 23.18 2.54
C THR A 310 -6.97 23.68 3.68
N SER A 311 -6.24 22.78 4.38
CA SER A 311 -5.32 23.19 5.44
C SER A 311 -4.15 24.01 4.88
N PHE A 312 -3.76 23.72 3.62
CA PHE A 312 -2.70 24.41 2.89
C PHE A 312 -3.19 25.75 2.32
N LYS A 313 -4.52 25.91 2.18
CA LYS A 313 -5.11 27.15 1.67
C LYS A 313 -5.21 28.22 2.79
N ALA A 314 -4.90 27.83 4.05
CA ALA A 314 -4.88 28.70 5.21
C ALA A 314 -3.61 29.56 5.23
N LEU A 315 -2.54 29.10 4.55
CA LEU A 315 -1.24 29.79 4.45
C LEU A 315 -1.38 31.09 3.66
N GLN A 320 -9.59 30.77 5.89
CA GLN A 320 -10.74 29.91 5.66
C GLN A 320 -10.81 28.77 6.72
N PRO A 321 -11.46 29.03 7.89
CA PRO A 321 -11.55 27.97 8.92
C PRO A 321 -12.55 26.87 8.55
N LEU A 322 -12.31 25.65 9.07
CA LEU A 322 -13.16 24.47 8.83
C LEU A 322 -14.39 24.42 9.75
N SER A 323 -14.34 25.16 10.88
CA SER A 323 -15.40 25.24 11.91
C SER A 323 -16.75 25.75 11.38
N GLY A 324 -16.70 26.57 10.33
CA GLY A 324 -17.89 27.10 9.67
C GLY A 324 -18.55 26.10 8.75
N LYS A 325 -17.72 25.31 8.02
CA LYS A 325 -18.14 24.29 7.06
C LYS A 325 -18.71 22.99 7.71
N THR A 326 -18.93 22.99 9.06
CA THR A 326 -19.46 21.88 9.85
C THR A 326 -20.86 21.48 9.32
N SER A 327 -21.66 22.48 8.90
CA SER A 327 -23.01 22.31 8.34
C SER A 327 -22.98 21.42 7.09
N TYR A 328 -22.06 21.69 6.13
CA TYR A 328 -21.90 20.93 4.89
C TYR A 328 -21.41 19.50 5.17
N PHE A 329 -20.53 19.32 6.17
CA PHE A 329 -19.95 18.01 6.54
C PHE A 329 -21.01 17.09 7.13
N HIS A 330 -21.64 17.49 8.26
CA HIS A 330 -22.67 16.71 8.97
C HIS A 330 -23.93 16.46 8.10
N LEU A 331 -24.19 17.31 7.11
CA LEU A 331 -25.31 17.11 6.18
C LEU A 331 -24.99 15.92 5.28
N LEU A 332 -23.88 16.01 4.52
CA LEU A 332 -23.43 15.00 3.57
C LEU A 332 -23.02 13.67 4.22
N THR A 333 -22.35 13.71 5.38
CA THR A 333 -21.88 12.48 6.05
C THR A 333 -22.99 11.63 6.66
N TRP A 334 -24.14 12.23 6.98
CA TRP A 334 -25.22 11.46 7.60
C TRP A 334 -26.41 11.28 6.65
N SER A 335 -26.65 12.22 5.72
CA SER A 335 -27.78 12.12 4.78
C SER A 335 -27.48 11.16 3.63
N LEU A 336 -26.30 11.28 2.96
CA LEU A 336 -25.93 10.43 1.83
C LEU A 336 -25.93 8.92 2.15
N PRO A 337 -25.44 8.41 3.32
CA PRO A 337 -25.54 6.95 3.55
C PRO A 337 -26.99 6.52 3.79
N PHE A 338 -27.81 7.41 4.43
CA PHE A 338 -29.24 7.20 4.70
C PHE A 338 -30.00 7.01 3.39
N VAL A 339 -29.75 7.89 2.39
CA VAL A 339 -30.39 7.83 1.05
C VAL A 339 -30.10 6.46 0.41
N LEU A 340 -28.83 6.01 0.45
CA LEU A 340 -28.40 4.72 -0.10
C LEU A 340 -29.00 3.54 0.66
N THR A 341 -29.06 3.62 2.01
CA THR A 341 -29.65 2.58 2.88
C THR A 341 -31.14 2.43 2.54
N VAL A 342 -31.88 3.56 2.44
CA VAL A 342 -33.30 3.62 2.11
C VAL A 342 -33.52 3.06 0.69
N ALA A 343 -32.67 3.47 -0.30
CA ALA A 343 -32.74 3.03 -1.70
C ALA A 343 -32.60 1.50 -1.83
N ILE A 344 -31.77 0.86 -0.97
CA ILE A 344 -31.57 -0.59 -0.97
C ILE A 344 -32.81 -1.28 -0.40
N LEU A 345 -33.28 -0.80 0.78
CA LEU A 345 -34.46 -1.36 1.47
C LEU A 345 -35.73 -1.21 0.63
N ALA A 346 -35.78 -0.20 -0.27
CA ALA A 346 -36.90 0.02 -1.19
C ALA A 346 -36.91 -1.03 -2.31
N VAL A 347 -35.73 -1.28 -2.94
CA VAL A 347 -35.58 -2.29 -4.01
C VAL A 347 -35.49 -3.70 -3.39
N ALA A 348 -35.37 -3.77 -2.05
CA ALA A 348 -35.28 -4.96 -1.21
C ALA A 348 -34.20 -5.92 -1.71
N GLN A 349 -32.94 -5.56 -1.44
CA GLN A 349 -31.78 -6.35 -1.87
C GLN A 349 -30.89 -6.73 -0.69
N VAL A 350 -31.47 -6.83 0.52
CA VAL A 350 -30.76 -7.23 1.73
C VAL A 350 -30.70 -8.77 1.75
N ASP A 351 -29.48 -9.33 1.70
CA ASP A 351 -29.24 -10.77 1.66
C ASP A 351 -28.25 -11.18 2.76
N GLY A 352 -28.40 -12.39 3.29
CA GLY A 352 -27.55 -12.91 4.36
C GLY A 352 -26.60 -14.00 3.93
N ASP A 353 -25.41 -14.02 4.55
CA ASP A 353 -24.36 -15.01 4.28
C ASP A 353 -23.85 -15.60 5.60
N SER A 354 -23.72 -16.93 5.65
CA SER A 354 -23.29 -17.68 6.83
C SER A 354 -21.79 -17.53 7.14
N VAL A 355 -20.91 -17.42 6.11
CA VAL A 355 -19.47 -17.29 6.32
C VAL A 355 -19.13 -15.90 6.89
N SER A 356 -19.71 -14.83 6.31
CA SER A 356 -19.50 -13.45 6.76
C SER A 356 -20.25 -13.22 8.08
N GLY A 357 -21.39 -13.91 8.22
CA GLY A 357 -22.24 -13.83 9.41
C GLY A 357 -23.03 -12.55 9.56
N ILE A 358 -23.17 -11.79 8.45
CA ILE A 358 -23.91 -10.52 8.43
C ILE A 358 -24.80 -10.41 7.18
N CYS A 359 -25.84 -9.56 7.25
CA CYS A 359 -26.75 -9.27 6.14
C CYS A 359 -26.21 -8.06 5.38
N PHE A 360 -26.11 -8.17 4.04
CA PHE A 360 -25.58 -7.11 3.19
C PHE A 360 -26.27 -7.03 1.83
N VAL A 361 -26.07 -5.91 1.13
CA VAL A 361 -26.64 -5.62 -0.19
C VAL A 361 -25.88 -6.34 -1.31
N GLY A 362 -26.65 -6.90 -2.26
CA GLY A 362 -26.15 -7.54 -3.47
C GLY A 362 -25.39 -8.83 -3.35
N TYR A 363 -25.71 -9.68 -2.35
CA TYR A 363 -25.06 -10.98 -2.24
C TYR A 363 -25.58 -11.90 -3.35
N LYS A 364 -26.93 -11.90 -3.55
CA LYS A 364 -27.62 -12.68 -4.57
C LYS A 364 -27.50 -11.95 -5.92
N ASN A 365 -28.05 -10.71 -6.01
CA ASN A 365 -28.00 -9.90 -7.22
C ASN A 365 -26.80 -8.96 -7.16
N TYR A 366 -25.64 -9.45 -7.65
CA TYR A 366 -24.35 -8.76 -7.66
C TYR A 366 -24.37 -7.43 -8.43
N ARG A 367 -25.34 -7.25 -9.35
CA ARG A 367 -25.49 -6.02 -10.12
C ARG A 367 -25.93 -4.86 -9.21
N TYR A 368 -26.60 -5.18 -8.08
CA TYR A 368 -27.01 -4.20 -7.06
C TYR A 368 -25.84 -3.88 -6.14
N ARG A 369 -24.90 -4.83 -5.98
CA ARG A 369 -23.68 -4.65 -5.17
C ARG A 369 -22.74 -3.68 -5.89
N ALA A 370 -22.78 -3.63 -7.24
CA ALA A 370 -21.96 -2.74 -8.05
C ALA A 370 -22.40 -1.28 -7.92
N GLY A 371 -23.71 -1.05 -7.85
CA GLY A 371 -24.30 0.29 -7.76
C GLY A 371 -24.43 0.85 -6.36
N PHE A 372 -24.34 0.00 -5.33
CA PHE A 372 -24.47 0.45 -3.95
C PHE A 372 -23.21 0.20 -3.11
N VAL A 373 -22.21 -0.53 -3.65
CA VAL A 373 -20.96 -0.79 -2.92
C VAL A 373 -19.78 -0.33 -3.79
N LEU A 374 -19.67 -0.82 -5.05
CA LEU A 374 -18.57 -0.44 -5.93
C LEU A 374 -18.65 1.02 -6.41
N ALA A 375 -19.86 1.54 -6.68
CA ALA A 375 -20.05 2.91 -7.13
C ALA A 375 -19.65 3.93 -6.03
N PRO A 376 -20.16 3.85 -4.76
CA PRO A 376 -19.71 4.84 -3.75
C PRO A 376 -18.23 4.70 -3.37
N ILE A 377 -17.66 3.48 -3.38
CA ILE A 377 -16.24 3.27 -3.06
C ILE A 377 -15.39 3.75 -4.26
N GLY A 378 -15.93 3.62 -5.47
CA GLY A 378 -15.29 4.11 -6.68
C GLY A 378 -15.23 5.63 -6.67
N LEU A 379 -16.34 6.25 -6.21
CA LEU A 379 -16.49 7.70 -6.07
C LEU A 379 -15.57 8.27 -4.99
N VAL A 380 -15.53 7.66 -3.77
CA VAL A 380 -14.67 8.14 -2.66
C VAL A 380 -13.18 8.04 -3.05
N LEU A 381 -12.82 7.09 -3.95
CA LEU A 381 -11.46 6.95 -4.44
C LEU A 381 -11.11 8.10 -5.38
N ILE A 382 -12.09 8.56 -6.19
CA ILE A 382 -11.90 9.66 -7.13
C ILE A 382 -11.83 10.99 -6.37
N VAL A 383 -12.84 11.28 -5.52
CA VAL A 383 -12.95 12.52 -4.75
C VAL A 383 -11.82 12.60 -3.70
N GLY A 384 -11.70 11.58 -2.85
CA GLY A 384 -10.67 11.49 -1.82
C GLY A 384 -9.27 11.57 -2.39
N GLY A 385 -9.05 10.85 -3.48
CA GLY A 385 -7.80 10.82 -4.22
C GLY A 385 -7.41 12.16 -4.77
N TYR A 386 -8.38 12.88 -5.37
CA TYR A 386 -8.18 14.22 -5.94
C TYR A 386 -7.65 15.19 -4.88
N PHE A 387 -8.26 15.21 -3.67
CA PHE A 387 -7.86 16.09 -2.59
C PHE A 387 -6.50 15.70 -2.01
N LEU A 388 -6.17 14.39 -2.02
CA LEU A 388 -4.87 13.89 -1.55
C LEU A 388 -3.77 14.21 -2.56
N ILE A 389 -4.05 14.10 -3.87
CA ILE A 389 -3.09 14.42 -4.94
C ILE A 389 -2.87 15.94 -4.97
N ARG A 390 -3.96 16.74 -5.00
CA ARG A 390 -3.87 18.22 -5.01
C ARG A 390 -3.22 18.75 -3.72
N GLY A 391 -3.37 18.01 -2.61
CA GLY A 391 -2.78 18.33 -1.32
C GLY A 391 -1.25 18.30 -1.34
N VAL A 392 -0.65 17.17 -1.78
CA VAL A 392 0.81 17.02 -1.87
C VAL A 392 1.35 17.93 -2.96
N MET A 393 0.56 18.16 -4.03
CA MET A 393 0.91 19.05 -5.13
C MET A 393 1.11 20.47 -4.61
N THR A 394 0.24 20.91 -3.68
CA THR A 394 0.33 22.23 -3.04
C THR A 394 1.56 22.28 -2.13
N LEU A 395 1.81 21.19 -1.37
CA LEU A 395 2.95 21.09 -0.44
C LEU A 395 4.29 21.12 -1.20
N PHE A 396 4.49 20.20 -2.16
CA PHE A 396 5.73 20.09 -2.93
C PHE A 396 5.97 21.28 -3.87
N SER A 397 4.90 21.97 -4.31
CA SER A 397 5.04 23.15 -5.16
C SER A 397 5.55 24.31 -4.33
N ALA A 398 4.91 24.56 -3.15
CA ALA A 398 5.29 25.63 -2.22
C ALA A 398 6.66 25.40 -1.62
N ARG A 399 7.03 24.12 -1.36
CA ARG A 399 8.33 23.78 -0.81
C ARG A 399 9.41 23.95 -1.86
N ARG A 400 9.10 23.67 -3.15
CA ARG A 400 10.10 23.84 -4.21
C ARG A 400 10.29 25.31 -4.55
N GLN A 401 9.19 26.08 -4.65
CA GLN A 401 9.23 27.51 -4.98
C GLN A 401 10.05 28.31 -3.97
N LEU A 402 10.02 27.92 -2.67
CA LEU A 402 10.82 28.53 -1.61
C LEU A 402 12.29 28.17 -1.81
N ALA A 403 12.57 26.86 -2.03
CA ALA A 403 13.89 26.30 -2.24
C ALA A 403 14.59 26.93 -3.45
N ASP A 404 13.84 27.19 -4.54
CA ASP A 404 14.35 27.82 -5.76
C ASP A 404 14.66 29.29 -5.54
N LEU A 405 13.82 29.97 -4.75
CA LEU A 405 13.98 31.39 -4.41
C LEU A 405 15.18 31.58 -3.51
N GLU A 406 15.35 30.67 -2.52
CA GLU A 406 16.47 30.67 -1.57
C GLU A 406 17.78 30.43 -2.31
N ASP A 407 17.75 29.56 -3.34
CA ASP A 407 18.88 29.21 -4.21
C ASP A 407 19.34 30.45 -4.99
N ASN A 408 18.39 31.18 -5.60
CA ASN A 408 18.64 32.40 -6.37
C ASN A 408 19.08 33.55 -5.47
N TRP A 409 18.49 33.66 -4.25
CA TRP A 409 18.83 34.65 -3.23
C TRP A 409 20.27 34.44 -2.76
N GLU A 410 20.67 33.16 -2.62
CA GLU A 410 22.00 32.80 -2.17
C GLU A 410 23.01 33.01 -3.29
N THR A 411 22.60 32.86 -4.56
CA THR A 411 23.46 33.10 -5.74
C THR A 411 23.80 34.60 -5.82
N LEU A 412 22.82 35.47 -5.49
CA LEU A 412 22.98 36.92 -5.49
C LEU A 412 23.97 37.36 -4.40
N ASN A 413 23.81 36.84 -3.16
CA ASN A 413 24.67 37.14 -2.00
C ASN A 413 26.11 36.65 -2.19
N ASP A 414 26.29 35.46 -2.79
CA ASP A 414 27.59 34.86 -3.04
C ASP A 414 28.34 35.61 -4.13
N ASN A 415 27.64 36.02 -5.21
CA ASN A 415 28.27 36.74 -6.31
C ASN A 415 28.60 38.19 -5.93
N LEU A 416 27.89 38.76 -4.92
CA LEU A 416 28.17 40.11 -4.43
C LEU A 416 29.56 40.15 -3.79
N LYS A 417 29.90 39.10 -3.02
CA LYS A 417 31.19 38.91 -2.35
C LYS A 417 32.31 38.83 -3.39
N VAL A 418 32.03 38.12 -4.53
CA VAL A 418 32.96 37.94 -5.66
C VAL A 418 33.28 39.32 -6.27
N ILE A 419 32.27 40.20 -6.44
CA ILE A 419 32.43 41.55 -7.00
C ILE A 419 33.22 42.42 -6.00
N GLU A 420 32.98 42.26 -4.68
CA GLU A 420 33.68 42.99 -3.62
C GLU A 420 35.19 42.68 -3.64
N LYS A 421 35.54 41.38 -3.78
CA LYS A 421 36.91 40.87 -3.77
C LYS A 421 37.62 40.94 -5.14
N ALA A 422 36.85 41.10 -6.23
CA ALA A 422 37.32 41.14 -7.61
C ALA A 422 38.40 42.18 -7.85
N ASP A 423 39.56 41.70 -8.34
CA ASP A 423 40.73 42.52 -8.67
C ASP A 423 40.72 42.86 -10.17
N ASN A 424 39.72 42.34 -10.92
CA ASN A 424 39.56 42.56 -12.36
C ASN A 424 38.07 42.54 -12.79
N ALA A 425 37.75 43.20 -13.94
CA ALA A 425 36.41 43.35 -14.52
C ALA A 425 35.78 42.04 -15.03
N ALA A 426 36.59 41.05 -15.51
CA ALA A 426 36.09 39.74 -15.97
C ALA A 426 35.43 38.96 -14.82
N GLN A 427 35.93 39.16 -13.58
CA GLN A 427 35.40 38.56 -12.34
C GLN A 427 34.06 39.22 -11.98
N VAL A 428 33.97 40.55 -12.18
CA VAL A 428 32.78 41.40 -11.94
C VAL A 428 31.69 41.03 -12.96
N LYS A 429 32.06 40.92 -14.26
CA LYS A 429 31.17 40.58 -15.37
C LYS A 429 30.55 39.19 -15.19
N ASP A 430 31.36 38.18 -14.82
CA ASP A 430 30.94 36.80 -14.60
C ASP A 430 29.97 36.70 -13.41
N ALA A 431 30.24 37.44 -12.31
CA ALA A 431 29.40 37.42 -11.12
C ALA A 431 28.05 38.12 -11.38
N LEU A 432 28.05 39.22 -12.15
CA LEU A 432 26.84 39.98 -12.49
C LEU A 432 25.92 39.19 -13.42
N THR A 433 26.46 38.49 -14.44
CA THR A 433 25.66 37.67 -15.37
C THR A 433 24.95 36.54 -14.59
N LYS A 434 25.67 35.92 -13.63
CA LYS A 434 25.15 34.88 -12.73
C LYS A 434 24.05 35.43 -11.83
N MET A 435 24.20 36.70 -11.41
CA MET A 435 23.24 37.43 -10.59
C MET A 435 21.99 37.78 -11.40
N ARG A 436 22.18 38.15 -12.69
CA ARG A 436 21.10 38.51 -13.62
C ARG A 436 20.22 37.28 -13.88
N ALA A 437 20.84 36.10 -14.11
CA ALA A 437 20.15 34.83 -14.33
C ALA A 437 19.37 34.41 -13.07
N ALA A 438 19.95 34.65 -11.88
CA ALA A 438 19.34 34.34 -10.59
C ALA A 438 18.15 35.27 -10.29
N ALA A 439 18.28 36.58 -10.58
CA ALA A 439 17.23 37.56 -10.36
C ALA A 439 16.01 37.33 -11.27
N LEU A 440 16.24 37.06 -12.57
CA LEU A 440 15.20 36.79 -13.57
C LEU A 440 14.45 35.48 -13.29
N ASP A 441 15.16 34.47 -12.76
CA ASP A 441 14.61 33.17 -12.38
C ASP A 441 13.73 33.32 -11.15
N ALA A 442 14.19 34.08 -10.13
CA ALA A 442 13.47 34.34 -8.90
C ALA A 442 12.27 35.27 -9.14
N GLN A 443 12.30 36.05 -10.26
CA GLN A 443 11.24 36.96 -10.68
C GLN A 443 10.01 36.15 -11.15
N LYS A 444 10.26 34.97 -11.76
CA LYS A 444 9.25 34.06 -12.28
C LYS A 444 8.45 33.35 -11.15
N ALA A 445 9.05 33.23 -9.94
CA ALA A 445 8.46 32.58 -8.76
C ALA A 445 7.14 33.22 -8.31
N THR A 446 6.18 32.37 -7.88
CA THR A 446 4.83 32.75 -7.43
C THR A 446 4.46 31.99 -6.13
N PRO A 447 3.86 32.64 -5.10
CA PRO A 447 3.47 31.89 -3.88
C PRO A 447 2.21 31.03 -4.12
N PRO A 448 1.88 30.03 -3.26
CA PRO A 448 0.67 29.22 -3.51
C PRO A 448 -0.63 29.98 -3.23
N SER A 457 -2.09 40.32 -9.74
CA SER A 457 -2.14 40.48 -8.28
C SER A 457 -1.27 41.67 -7.82
N PRO A 458 -1.72 42.49 -6.85
CA PRO A 458 -0.90 43.64 -6.40
C PRO A 458 0.36 43.22 -5.63
N GLU A 459 0.34 42.03 -5.01
CA GLU A 459 1.47 41.45 -4.27
C GLU A 459 2.55 40.97 -5.27
N MET A 460 2.09 40.43 -6.42
CA MET A 460 2.91 39.92 -7.52
C MET A 460 3.53 41.08 -8.33
N LYS A 461 2.78 42.19 -8.49
CA LYS A 461 3.19 43.40 -9.24
C LYS A 461 4.43 44.04 -8.61
N ASP A 462 4.44 44.25 -7.28
CA ASP A 462 5.57 44.85 -6.56
C ASP A 462 6.75 43.88 -6.45
N PHE A 463 6.48 42.57 -6.42
CA PHE A 463 7.52 41.52 -6.34
C PHE A 463 8.26 41.43 -7.67
N ARG A 464 7.53 41.43 -8.81
CA ARG A 464 8.09 41.37 -10.16
C ARG A 464 8.83 42.66 -10.50
N HIS A 465 8.30 43.81 -10.04
CA HIS A 465 8.91 45.13 -10.27
C HIS A 465 10.20 45.28 -9.45
N GLY A 466 10.23 44.68 -8.26
CA GLY A 466 11.38 44.67 -7.36
C GLY A 466 12.62 44.10 -8.00
N PHE A 467 12.44 43.06 -8.85
CA PHE A 467 13.50 42.40 -9.60
C PHE A 467 13.78 43.16 -10.91
N ASP A 468 12.76 43.87 -11.47
CA ASP A 468 12.90 44.67 -12.69
C ASP A 468 13.88 45.82 -12.46
N ILE A 469 13.86 46.40 -11.24
CA ILE A 469 14.77 47.46 -10.81
C ILE A 469 16.18 46.86 -10.67
N LEU A 470 16.28 45.71 -9.98
CA LEU A 470 17.52 44.99 -9.70
C LEU A 470 18.25 44.56 -10.99
N VAL A 471 17.53 43.93 -11.96
CA VAL A 471 18.11 43.49 -13.26
C VAL A 471 18.58 44.73 -14.03
N GLY A 472 17.76 45.79 -14.03
CA GLY A 472 18.07 47.07 -14.66
C GLY A 472 19.32 47.71 -14.09
N GLN A 473 19.57 47.51 -12.77
CA GLN A 473 20.74 47.99 -12.05
C GLN A 473 21.95 47.09 -12.31
N ILE A 474 21.72 45.76 -12.51
CA ILE A 474 22.74 44.76 -12.83
C ILE A 474 23.28 45.07 -14.25
N ASP A 475 22.35 45.38 -15.20
CA ASP A 475 22.66 45.73 -16.59
C ASP A 475 23.53 46.99 -16.68
N ASP A 476 23.27 47.98 -15.78
CA ASP A 476 24.04 49.22 -15.69
C ASP A 476 25.44 48.94 -15.15
N ALA A 477 25.53 48.00 -14.17
CA ALA A 477 26.80 47.57 -13.56
C ALA A 477 27.64 46.73 -14.54
N LEU A 478 26.96 45.93 -15.40
CA LEU A 478 27.57 45.10 -16.44
C LEU A 478 28.19 45.98 -17.53
N LYS A 479 27.50 47.08 -17.89
CA LYS A 479 27.95 48.06 -18.87
C LYS A 479 29.26 48.69 -18.41
N LEU A 480 29.36 49.01 -17.09
CA LEU A 480 30.56 49.58 -16.47
C LEU A 480 31.72 48.58 -16.51
N ALA A 481 31.41 47.29 -16.27
CA ALA A 481 32.38 46.19 -16.30
C ALA A 481 32.90 45.95 -17.72
N ASN A 482 32.01 46.10 -18.73
CA ASN A 482 32.34 45.95 -20.15
C ASN A 482 33.25 47.09 -20.61
N GLU A 483 33.07 48.31 -20.04
CA GLU A 483 33.89 49.49 -20.32
C GLU A 483 35.23 49.39 -19.59
N GLY A 484 35.33 48.48 -18.61
CA GLY A 484 36.53 48.24 -17.82
C GLY A 484 36.59 48.97 -16.50
N LYS A 485 35.53 49.74 -16.17
CA LYS A 485 35.44 50.52 -14.94
C LYS A 485 35.08 49.58 -13.77
N VAL A 486 36.10 48.93 -13.18
CA VAL A 486 35.96 47.97 -12.08
C VAL A 486 35.44 48.68 -10.82
N LYS A 487 36.09 49.79 -10.43
CA LYS A 487 35.76 50.61 -9.24
C LYS A 487 34.33 51.16 -9.32
N GLU A 488 33.89 51.56 -10.53
CA GLU A 488 32.55 52.10 -10.79
C GLU A 488 31.51 50.99 -10.77
N ALA A 489 31.85 49.78 -11.27
CA ALA A 489 30.97 48.62 -11.29
C ALA A 489 30.82 48.02 -9.89
N GLN A 490 31.89 48.11 -9.07
CA GLN A 490 31.92 47.62 -7.68
C GLN A 490 31.04 48.51 -6.80
N ALA A 491 31.06 49.84 -7.04
CA ALA A 491 30.28 50.84 -6.32
C ALA A 491 28.79 50.69 -6.66
N ALA A 492 28.48 50.40 -7.94
CA ALA A 492 27.13 50.17 -8.45
C ALA A 492 26.55 48.89 -7.86
N ALA A 493 27.43 47.91 -7.54
CA ALA A 493 27.08 46.62 -6.93
C ALA A 493 26.69 46.80 -5.46
N GLU A 494 27.24 47.82 -4.77
CA GLU A 494 26.91 48.12 -3.37
C GLU A 494 25.46 48.60 -3.27
N GLN A 495 24.98 49.28 -4.34
CA GLN A 495 23.61 49.80 -4.46
C GLN A 495 22.60 48.67 -4.66
N LEU A 496 23.04 47.52 -5.21
CA LEU A 496 22.17 46.35 -5.43
C LEU A 496 21.75 45.77 -4.10
N LYS A 497 22.65 45.83 -3.09
CA LYS A 497 22.43 45.37 -1.71
C LYS A 497 21.19 46.04 -1.11
N THR A 498 21.01 47.37 -1.31
CA THR A 498 19.85 48.08 -0.75
C THR A 498 18.59 47.83 -1.61
N THR A 499 18.73 47.62 -2.95
CA THR A 499 17.60 47.30 -3.84
C THR A 499 17.07 45.90 -3.48
N ARG A 500 17.96 45.05 -2.94
CA ARG A 500 17.66 43.70 -2.45
C ARG A 500 16.96 43.81 -1.09
N ASN A 501 17.47 44.66 -0.17
CA ASN A 501 16.91 44.83 1.17
C ASN A 501 15.57 45.55 1.15
N ALA A 502 15.40 46.56 0.28
CA ALA A 502 14.18 47.37 0.18
C ALA A 502 12.99 46.62 -0.44
N TYR A 503 13.23 45.80 -1.48
CA TYR A 503 12.14 45.12 -2.18
C TYR A 503 12.13 43.59 -1.99
N ILE A 504 13.22 42.91 -2.37
CA ILE A 504 13.36 41.44 -2.38
C ILE A 504 13.27 40.81 -0.96
N GLN A 505 14.05 41.30 0.03
CA GLN A 505 14.11 40.76 1.39
C GLN A 505 12.74 40.70 2.07
N LYS A 506 11.89 41.73 1.86
CA LYS A 506 10.54 41.84 2.44
C LYS A 506 9.63 40.67 2.01
N TYR A 507 9.79 40.17 0.78
CA TYR A 507 9.00 39.06 0.24
C TYR A 507 9.62 37.69 0.55
N LEU A 508 10.95 37.61 0.76
CA LEU A 508 11.65 36.37 1.10
C LEU A 508 11.30 35.94 2.53
N GLU A 509 11.17 36.92 3.47
CA GLU A 509 10.78 36.66 4.86
C GLU A 509 9.36 36.12 4.91
N ARG A 510 8.45 36.68 4.07
CA ARG A 510 7.04 36.28 3.95
C ARG A 510 6.91 34.83 3.44
N ALA A 511 7.73 34.45 2.44
CA ALA A 511 7.73 33.11 1.85
C ALA A 511 8.15 32.06 2.87
N ARG A 512 9.11 32.41 3.74
CA ARG A 512 9.63 31.54 4.79
C ARG A 512 8.59 31.32 5.90
N SER A 513 7.88 32.40 6.31
CA SER A 513 6.86 32.38 7.37
C SER A 513 5.63 31.55 7.00
N THR A 514 5.15 31.65 5.74
CA THR A 514 3.98 30.93 5.24
C THR A 514 4.22 29.42 5.25
N LEU A 515 5.45 28.98 4.89
CA LEU A 515 5.82 27.57 4.89
C LEU A 515 6.11 27.05 6.31
N SER A 516 6.45 27.96 7.24
CA SER A 516 6.73 27.62 8.64
C SER A 516 5.43 27.35 9.39
N LYS A 517 4.30 27.88 8.89
CA LYS A 517 2.94 27.74 9.40
C LYS A 517 2.46 26.26 9.30
N ILE A 518 3.14 25.44 8.47
CA ILE A 518 2.83 24.01 8.29
C ILE A 518 3.28 23.23 9.55
N ASN A 519 2.31 22.85 10.40
CA ASN A 519 2.54 22.12 11.66
C ASN A 519 2.55 20.60 11.43
N GLU A 520 2.91 19.83 12.48
CA GLU A 520 2.98 18.35 12.41
C GLU A 520 1.60 17.71 12.28
N THR A 521 0.58 18.25 13.00
CA THR A 521 -0.82 17.76 12.98
C THR A 521 -1.39 17.82 11.55
N MET A 522 -0.97 18.84 10.76
CA MET A 522 -1.35 19.08 9.37
C MET A 522 -0.83 17.94 8.49
N LEU A 523 0.50 17.64 8.58
CA LEU A 523 1.15 16.59 7.79
C LEU A 523 0.73 15.20 8.26
N ARG A 524 0.48 15.04 9.58
CA ARG A 524 0.03 13.79 10.19
C ARG A 524 -1.36 13.42 9.65
N LEU A 525 -2.22 14.44 9.42
CA LEU A 525 -3.55 14.28 8.85
C LEU A 525 -3.46 13.68 7.44
N GLY A 526 -2.47 14.14 6.67
CA GLY A 526 -2.21 13.66 5.32
C GLY A 526 -1.69 12.24 5.29
N ILE A 527 -0.82 11.88 6.27
CA ILE A 527 -0.23 10.54 6.43
C ILE A 527 -1.38 9.56 6.65
N PHE A 528 -2.32 9.93 7.55
CA PHE A 528 -3.52 9.15 7.87
C PHE A 528 -4.44 9.07 6.65
N GLY A 529 -4.54 10.17 5.90
CA GLY A 529 -5.32 10.30 4.68
C GLY A 529 -4.89 9.32 3.61
N PHE A 530 -3.57 9.23 3.36
CA PHE A 530 -3.01 8.29 2.40
C PHE A 530 -3.11 6.87 2.93
N LEU A 531 -2.93 6.69 4.26
CA LEU A 531 -3.02 5.40 4.95
C LEU A 531 -4.43 4.84 4.82
N ALA A 532 -5.44 5.72 4.94
CA ALA A 532 -6.85 5.37 4.79
C ALA A 532 -7.16 5.10 3.33
N PHE A 533 -6.57 5.90 2.41
CA PHE A 533 -6.74 5.76 0.95
C PHE A 533 -6.29 4.39 0.47
N GLY A 534 -5.17 3.91 1.00
CA GLY A 534 -4.60 2.61 0.67
C GLY A 534 -5.59 1.48 0.87
N PHE A 535 -6.13 1.40 2.11
CA PHE A 535 -7.12 0.39 2.50
C PHE A 535 -8.42 0.49 1.67
N VAL A 536 -8.84 1.72 1.29
CA VAL A 536 -10.03 1.97 0.47
C VAL A 536 -9.76 1.42 -0.95
N LEU A 537 -8.52 1.63 -1.47
CA LEU A 537 -8.09 1.15 -2.78
C LEU A 537 -8.08 -0.39 -2.82
N ILE A 538 -7.70 -1.03 -1.69
CA ILE A 538 -7.68 -2.48 -1.53
C ILE A 538 -9.13 -3.00 -1.47
N THR A 539 -10.01 -2.36 -0.65
CA THR A 539 -11.42 -2.71 -0.48
C THR A 539 -12.11 -2.72 -1.85
N PHE A 540 -11.87 -1.66 -2.66
CA PHE A 540 -12.42 -1.53 -4.00
C PHE A 540 -12.02 -2.72 -4.88
N SER A 541 -10.71 -3.06 -4.90
CA SER A 541 -10.13 -4.15 -5.68
C SER A 541 -10.76 -5.51 -5.33
N CYS A 542 -11.12 -5.72 -4.05
CA CYS A 542 -11.75 -6.95 -3.58
C CYS A 542 -13.18 -7.04 -4.07
N HIS A 543 -13.98 -5.94 -3.94
CA HIS A 543 -15.37 -5.91 -4.42
C HIS A 543 -15.41 -5.98 -5.94
N PHE A 544 -14.38 -5.41 -6.62
CA PHE A 544 -14.26 -5.44 -8.08
C PHE A 544 -14.00 -6.88 -8.56
N TYR A 545 -13.17 -7.65 -7.82
CA TYR A 545 -12.86 -9.04 -8.14
C TYR A 545 -14.11 -9.92 -7.99
N ASP A 546 -14.86 -9.72 -6.89
CA ASP A 546 -16.09 -10.45 -6.60
C ASP A 546 -17.16 -10.16 -7.64
N PHE A 547 -17.24 -8.91 -8.10
CA PHE A 547 -18.19 -8.45 -9.11
C PHE A 547 -17.85 -9.04 -10.49
N PHE A 548 -16.55 -9.03 -10.86
CA PHE A 548 -16.04 -9.54 -12.14
C PHE A 548 -16.23 -11.05 -12.30
N ASN A 549 -16.13 -11.82 -11.21
CA ASN A 549 -16.22 -13.28 -11.27
C ASN A 549 -17.55 -13.88 -10.71
N GLN A 550 -18.53 -13.05 -10.24
CA GLN A 550 -19.80 -13.60 -9.72
C GLN A 550 -20.58 -14.32 -10.83
N ALA A 551 -20.55 -13.76 -12.05
CA ALA A 551 -21.23 -14.30 -13.24
C ALA A 551 -20.93 -15.80 -13.43
N GLU A 552 -19.64 -16.19 -13.32
CA GLU A 552 -19.23 -17.59 -13.45
C GLU A 552 -19.56 -18.38 -12.19
N TRP A 553 -19.45 -17.75 -10.99
CA TRP A 553 -19.74 -18.42 -9.70
C TRP A 553 -21.20 -18.84 -9.61
N GLU A 554 -22.14 -18.05 -10.20
CA GLU A 554 -23.57 -18.36 -10.24
C GLU A 554 -23.84 -19.46 -11.27
N ARG A 555 -23.10 -19.42 -12.40
CA ARG A 555 -23.17 -20.42 -13.48
C ARG A 555 -22.71 -21.78 -12.97
N SER A 556 -21.60 -21.81 -12.18
CA SER A 556 -21.00 -23.00 -11.57
C SER A 556 -21.92 -23.61 -10.51
N PHE A 557 -22.77 -22.75 -9.88
CA PHE A 557 -23.75 -23.15 -8.86
C PHE A 557 -24.97 -23.78 -9.51
N ARG A 558 -25.59 -23.07 -10.48
CA ARG A 558 -26.78 -23.59 -11.18
C ARG A 558 -26.46 -24.95 -11.80
N ASP A 559 -25.27 -25.07 -12.44
CA ASP A 559 -24.78 -26.31 -13.06
C ASP A 559 -24.54 -27.41 -12.03
N TYR A 560 -24.14 -27.04 -10.78
CA TYR A 560 -23.92 -27.96 -9.68
C TYR A 560 -25.25 -28.49 -9.18
N VAL A 561 -26.25 -27.60 -9.01
CA VAL A 561 -27.59 -27.92 -8.54
C VAL A 561 -28.29 -28.87 -9.55
N LEU A 562 -28.27 -28.51 -10.85
CA LEU A 562 -28.86 -29.31 -11.94
C LEU A 562 -28.18 -30.66 -12.08
N CYS A 563 -26.87 -30.73 -11.75
CA CYS A 563 -26.06 -31.95 -11.78
C CYS A 563 -26.59 -32.96 -10.77
N GLN A 564 -26.96 -32.50 -9.57
CA GLN A 564 -27.44 -33.32 -8.47
C GLN A 564 -28.73 -34.11 -8.82
N ALA A 565 -29.54 -33.58 -9.76
CA ALA A 565 -30.77 -34.24 -10.21
C ALA A 565 -30.52 -35.06 -11.50
N ASN A 566 -29.45 -34.74 -12.25
CA ASN A 566 -29.11 -35.45 -13.48
C ASN A 566 -28.30 -36.71 -13.17
N VAL A 567 -27.30 -36.62 -12.26
CA VAL A 567 -26.42 -37.75 -11.93
C VAL A 567 -27.19 -38.89 -11.21
N THR A 568 -28.34 -38.57 -10.56
CA THR A 568 -29.16 -39.55 -9.86
C THR A 568 -29.94 -40.42 -10.90
N ILE A 569 -30.22 -39.86 -12.11
CA ILE A 569 -30.92 -40.56 -13.21
C ILE A 569 -29.91 -41.09 -14.25
N GLY A 570 -30.30 -42.13 -14.98
CA GLY A 570 -29.48 -42.76 -16.02
C GLY A 570 -28.17 -43.30 -15.49
N LEU A 571 -28.23 -43.94 -14.31
CA LEU A 571 -27.08 -44.51 -13.61
C LEU A 571 -27.33 -46.00 -13.29
N PRO A 572 -26.29 -46.90 -13.38
CA PRO A 572 -26.52 -48.32 -13.08
C PRO A 572 -27.02 -48.55 -11.64
N THR A 573 -28.06 -49.42 -11.50
CA THR A 573 -28.75 -49.75 -10.25
C THR A 573 -27.79 -50.19 -9.12
N LYS A 574 -26.72 -50.94 -9.45
CA LYS A 574 -25.72 -51.45 -8.50
C LYS A 574 -24.71 -50.38 -8.03
N GLN A 575 -24.31 -49.46 -8.92
CA GLN A 575 -23.30 -48.42 -8.67
C GLN A 575 -23.81 -47.29 -7.73
N PRO A 576 -23.03 -46.87 -6.68
CA PRO A 576 -23.47 -45.74 -5.84
C PRO A 576 -23.44 -44.43 -6.63
N ILE A 577 -24.28 -43.45 -6.24
CA ILE A 577 -24.40 -42.17 -6.95
C ILE A 577 -23.12 -41.31 -6.75
N PRO A 578 -22.42 -40.97 -7.86
CA PRO A 578 -21.22 -40.12 -7.71
C PRO A 578 -21.60 -38.66 -7.50
N ASP A 579 -20.93 -38.01 -6.55
CA ASP A 579 -21.18 -36.63 -6.18
C ASP A 579 -20.70 -35.66 -7.26
N CYS A 580 -21.39 -34.51 -7.38
CA CYS A 580 -21.07 -33.45 -8.34
C CYS A 580 -20.11 -32.45 -7.72
N GLU A 581 -19.46 -31.63 -8.56
CA GLU A 581 -18.49 -30.62 -8.13
C GLU A 581 -18.87 -29.22 -8.61
N ILE A 582 -18.26 -28.19 -7.98
CA ILE A 582 -18.44 -26.77 -8.31
C ILE A 582 -17.19 -26.29 -9.06
N LYS A 583 -17.36 -25.79 -10.31
CA LYS A 583 -16.26 -25.31 -11.17
C LYS A 583 -15.40 -24.27 -10.45
N ASN A 584 -16.04 -23.18 -10.00
CA ASN A 584 -15.38 -22.07 -9.30
C ASN A 584 -16.30 -21.47 -8.24
N ARG A 585 -15.69 -20.93 -7.19
CA ARG A 585 -16.38 -20.33 -6.04
C ARG A 585 -15.61 -19.08 -5.55
N PRO A 586 -16.21 -18.22 -4.68
CA PRO A 586 -15.48 -17.02 -4.23
C PRO A 586 -14.22 -17.36 -3.43
N SER A 587 -13.16 -16.56 -3.63
CA SER A 587 -11.89 -16.76 -2.94
C SER A 587 -11.99 -16.23 -1.51
N LEU A 588 -11.76 -17.12 -0.53
CA LEU A 588 -11.78 -16.79 0.91
C LEU A 588 -10.58 -15.89 1.27
N LEU A 589 -9.50 -15.95 0.47
CA LEU A 589 -8.31 -15.13 0.64
C LEU A 589 -8.66 -13.68 0.29
N VAL A 590 -9.39 -13.45 -0.82
CA VAL A 590 -9.84 -12.13 -1.28
C VAL A 590 -10.77 -11.54 -0.20
N GLU A 591 -11.66 -12.39 0.38
CA GLU A 591 -12.57 -11.99 1.47
C GLU A 591 -11.78 -11.58 2.70
N LYS A 592 -10.75 -12.37 3.07
CA LYS A 592 -9.88 -12.09 4.21
C LYS A 592 -9.09 -10.79 4.00
N ILE A 593 -8.62 -10.54 2.76
CA ILE A 593 -7.90 -9.32 2.37
C ILE A 593 -8.86 -8.11 2.47
N ASN A 594 -10.14 -8.31 2.09
CA ASN A 594 -11.17 -7.27 2.17
C ASN A 594 -11.44 -6.92 3.63
N LEU A 595 -11.56 -7.95 4.51
CA LEU A 595 -11.80 -7.77 5.94
C LEU A 595 -10.60 -7.10 6.61
N PHE A 596 -9.37 -7.47 6.17
CA PHE A 596 -8.12 -6.87 6.67
C PHE A 596 -8.06 -5.39 6.30
N ALA A 597 -8.52 -5.03 5.10
CA ALA A 597 -8.55 -3.66 4.62
C ALA A 597 -9.62 -2.84 5.36
N MET A 598 -10.84 -3.41 5.53
CA MET A 598 -11.97 -2.79 6.22
C MET A 598 -11.62 -2.54 7.70
N PHE A 599 -11.27 -3.61 8.46
CA PHE A 599 -10.92 -3.53 9.87
C PHE A 599 -9.56 -2.86 10.10
N GLY A 600 -8.68 -2.93 9.10
CA GLY A 600 -7.35 -2.31 9.14
C GLY A 600 -7.43 -0.80 9.25
N THR A 601 -8.39 -0.18 8.53
CA THR A 601 -8.65 1.26 8.57
C THR A 601 -9.10 1.65 9.97
N GLY A 602 -10.04 0.88 10.53
CA GLY A 602 -10.57 1.08 11.89
C GLY A 602 -9.51 1.05 12.97
N ILE A 603 -8.45 0.25 12.78
CA ILE A 603 -7.34 0.14 13.73
C ILE A 603 -6.36 1.28 13.44
N ALA A 604 -6.02 1.52 12.16
CA ALA A 604 -5.07 2.57 11.75
C ALA A 604 -5.57 3.97 12.10
N MET A 605 -6.88 4.24 11.96
CA MET A 605 -7.46 5.54 12.29
C MET A 605 -7.54 5.74 13.81
N SER A 606 -7.51 4.62 14.58
CA SER A 606 -7.55 4.65 16.05
C SER A 606 -6.17 5.02 16.65
N THR A 607 -5.10 5.03 15.83
CA THR A 607 -3.74 5.35 16.29
C THR A 607 -3.46 6.86 16.28
N TRP A 608 -4.50 7.69 15.99
CA TRP A 608 -4.43 9.15 15.98
C TRP A 608 -4.29 9.68 17.42
N VAL A 609 -4.79 8.90 18.37
CA VAL A 609 -4.80 9.16 19.81
C VAL A 609 -3.67 8.34 20.51
N TRP A 610 -2.70 7.82 19.73
CA TRP A 610 -1.57 7.07 20.30
C TRP A 610 -0.37 8.04 20.45
N THR A 611 -0.62 9.13 21.20
CA THR A 611 0.34 10.22 21.43
C THR A 611 0.63 10.40 22.94
N LYS A 612 1.52 11.37 23.27
CA LYS A 612 1.94 11.71 24.63
C LYS A 612 0.79 12.32 25.44
N ALA A 613 0.01 13.22 24.79
CA ALA A 613 -1.11 13.98 25.36
C ALA A 613 -2.27 13.09 25.83
N THR A 614 -2.47 11.93 25.18
CA THR A 614 -3.57 11.01 25.52
C THR A 614 -3.24 10.17 26.75
N LEU A 615 -1.92 9.96 27.03
CA LEU A 615 -1.45 9.24 28.22
C LEU A 615 -1.79 10.06 29.46
N LEU A 616 -1.72 11.40 29.33
CA LEU A 616 -2.03 12.41 30.34
C LEU A 616 -3.50 12.31 30.77
N ILE A 617 -4.43 12.18 29.78
CA ILE A 617 -5.88 12.10 30.00
C ILE A 617 -6.23 10.86 30.84
N TRP A 618 -5.58 9.71 30.58
CA TRP A 618 -5.87 8.50 31.36
C TRP A 618 -5.21 8.52 32.74
N ARG A 619 -4.01 9.11 32.88
CA ARG A 619 -3.31 9.22 34.18
C ARG A 619 -4.00 10.24 35.10
N ARG A 620 -4.50 11.38 34.55
CA ARG A 620 -5.18 12.43 35.33
C ARG A 620 -6.55 11.95 35.84
N THR A 621 -7.24 11.09 35.07
CA THR A 621 -8.54 10.53 35.45
C THR A 621 -8.34 9.42 36.48
N TRP A 622 -7.20 8.68 36.40
CA TRP A 622 -6.83 7.61 37.34
C TRP A 622 -6.46 8.24 38.70
N CYS A 623 -5.73 9.38 38.68
CA CYS A 623 -5.32 10.14 39.87
C CYS A 623 -6.55 10.76 40.56
N ARG A 624 -7.59 11.10 39.76
CA ARG A 624 -8.87 11.66 40.22
C ARG A 624 -9.68 10.58 40.95
N LEU A 625 -9.61 9.33 40.46
CA LEU A 625 -10.30 8.18 41.05
C LEU A 625 -9.60 7.71 42.32
N THR A 626 -8.25 7.63 42.29
CA THR A 626 -7.42 7.21 43.42
C THR A 626 -6.14 8.06 43.47
N PRO B 27 70.26 48.75 18.49
CA PRO B 27 70.76 49.02 17.14
C PRO B 27 69.74 49.74 16.26
N PRO B 28 70.15 50.53 15.23
CA PRO B 28 69.16 51.21 14.38
C PRO B 28 68.40 50.20 13.50
N PRO B 29 67.08 50.38 13.29
CA PRO B 29 66.34 49.41 12.45
C PRO B 29 66.71 49.55 10.97
N LEU B 30 66.76 48.39 10.27
CA LEU B 30 67.09 48.28 8.84
C LEU B 30 66.17 49.16 8.01
N SER B 31 66.73 49.83 6.97
CA SER B 31 66.01 50.74 6.08
C SER B 31 64.80 50.08 5.40
N HIS B 32 64.87 48.74 5.19
CA HIS B 32 63.82 47.93 4.58
C HIS B 32 62.83 47.35 5.60
N CYS B 33 63.24 47.26 6.89
CA CYS B 33 62.41 46.75 8.01
C CYS B 33 61.56 47.88 8.66
N GLY B 34 61.51 49.04 8.01
CA GLY B 34 60.76 50.20 8.45
C GLY B 34 60.31 51.06 7.29
N ARG B 35 59.32 51.93 7.51
CA ARG B 35 58.81 52.81 6.45
C ARG B 35 58.59 54.23 6.95
N ALA B 36 58.85 55.22 6.08
CA ALA B 36 58.67 56.64 6.38
C ALA B 36 57.18 56.99 6.40
N ALA B 37 56.68 57.36 7.59
CA ALA B 37 55.27 57.72 7.83
C ALA B 37 55.15 58.70 9.01
N PRO B 38 54.29 59.76 8.91
CA PRO B 38 54.16 60.70 10.04
C PRO B 38 53.48 60.05 11.25
N CYS B 39 54.10 60.20 12.44
CA CYS B 39 53.64 59.59 13.69
C CYS B 39 52.59 60.45 14.38
N GLU B 40 51.59 59.77 14.98
CA GLU B 40 50.50 60.37 15.75
C GLU B 40 50.40 59.65 17.11
N PRO B 41 50.13 60.36 18.23
CA PRO B 41 50.05 59.66 19.54
C PRO B 41 48.91 58.65 19.61
N LEU B 42 49.13 57.54 20.35
CA LEU B 42 48.17 56.47 20.54
C LEU B 42 46.95 56.91 21.34
N ARG B 43 45.74 56.73 20.78
CA ARG B 43 44.49 57.07 21.45
C ARG B 43 44.11 55.94 22.44
N TYR B 44 44.56 54.71 22.14
CA TYR B 44 44.30 53.52 22.94
C TYR B 44 45.59 52.96 23.51
N ASN B 45 45.65 52.84 24.84
CA ASN B 45 46.82 52.32 25.56
C ASN B 45 46.93 50.79 25.44
N VAL B 46 45.84 50.13 25.04
CA VAL B 46 45.74 48.67 24.95
C VAL B 46 45.41 48.21 23.50
N CYS B 47 46.03 47.09 23.07
CA CYS B 47 45.83 46.48 21.76
C CYS B 47 45.41 45.01 21.96
N LEU B 48 44.13 44.73 21.68
CA LEU B 48 43.47 43.41 21.79
C LEU B 48 43.68 42.75 23.18
N GLY B 49 43.57 43.54 24.24
CA GLY B 49 43.70 43.07 25.62
C GLY B 49 45.08 43.14 26.25
N SER B 50 46.10 43.58 25.48
CA SER B 50 47.49 43.71 25.95
C SER B 50 47.99 45.17 25.83
N VAL B 51 48.51 45.75 26.93
CA VAL B 51 49.03 47.13 26.99
C VAL B 51 50.31 47.23 26.09
N LEU B 52 50.50 48.40 25.43
CA LEU B 52 51.57 48.65 24.48
C LEU B 52 52.82 49.29 25.11
N PRO B 53 54.04 48.83 24.71
CA PRO B 53 55.27 49.40 25.28
C PRO B 53 55.71 50.75 24.68
N TYR B 54 54.98 51.22 23.64
CA TYR B 54 55.28 52.46 22.92
C TYR B 54 54.09 53.43 22.99
N GLY B 55 54.31 54.67 22.54
CA GLY B 55 53.31 55.73 22.60
C GLY B 55 52.77 56.31 21.30
N ALA B 56 53.43 56.06 20.16
CA ALA B 56 52.96 56.60 18.88
C ALA B 56 52.69 55.49 17.85
N THR B 57 51.69 55.73 16.96
CA THR B 57 51.26 54.76 15.94
C THR B 57 51.04 55.44 14.56
N SER B 58 50.78 54.60 13.53
CA SER B 58 50.52 55.03 12.15
C SER B 58 49.52 54.07 11.47
N THR B 59 48.48 54.63 10.82
CA THR B 59 47.44 53.87 10.11
C THR B 59 47.82 53.70 8.62
N LEU B 60 49.14 53.64 8.34
CA LEU B 60 49.72 53.47 7.01
C LEU B 60 49.80 51.99 6.64
N LEU B 61 50.06 51.12 7.63
CA LEU B 61 50.19 49.67 7.41
C LEU B 61 48.82 49.02 7.16
N ALA B 62 47.75 49.58 7.75
CA ALA B 62 46.39 49.11 7.53
C ALA B 62 45.78 49.89 6.36
N GLY B 63 45.55 49.21 5.24
CA GLY B 63 44.99 49.80 4.03
C GLY B 63 43.53 50.17 4.15
N ASP B 64 42.77 49.39 4.94
CA ASP B 64 41.35 49.59 5.20
C ASP B 64 41.09 50.76 6.15
N SER B 65 42.10 51.17 6.94
CA SER B 65 41.99 52.23 7.93
C SER B 65 42.76 53.49 7.53
N ASP B 66 42.19 54.65 7.89
CA ASP B 66 42.75 55.99 7.68
C ASP B 66 42.88 56.70 9.03
N SER B 67 41.96 56.38 9.96
CA SER B 67 41.91 56.92 11.32
C SER B 67 42.25 55.84 12.34
N GLN B 68 42.66 56.26 13.55
CA GLN B 68 42.97 55.35 14.66
C GLN B 68 41.67 54.71 15.16
N GLU B 69 40.56 55.47 15.07
CA GLU B 69 39.21 55.06 15.44
C GLU B 69 38.71 53.98 14.49
N GLU B 70 39.02 54.13 13.18
CA GLU B 70 38.67 53.18 12.13
C GLU B 70 39.46 51.87 12.34
N ALA B 71 40.77 51.99 12.67
CA ALA B 71 41.66 50.86 12.93
C ALA B 71 41.15 50.04 14.11
N HIS B 72 40.71 50.72 15.18
CA HIS B 72 40.16 50.10 16.40
C HIS B 72 38.88 49.32 16.08
N GLY B 73 38.02 49.88 15.23
CA GLY B 73 36.77 49.26 14.80
C GLY B 73 36.98 48.00 13.98
N LYS B 74 38.04 48.01 13.14
CA LYS B 74 38.42 46.86 12.30
C LYS B 74 38.97 45.74 13.19
N LEU B 75 39.67 46.10 14.31
CA LEU B 75 40.19 45.17 15.32
C LEU B 75 39.04 44.47 16.05
N VAL B 76 37.90 45.16 16.21
CA VAL B 76 36.67 44.62 16.83
C VAL B 76 36.06 43.59 15.86
N LEU B 77 36.21 43.82 14.53
CA LEU B 77 35.72 42.90 13.49
C LEU B 77 36.63 41.67 13.44
N TRP B 78 37.96 41.86 13.55
CA TRP B 78 38.94 40.79 13.54
C TRP B 78 38.91 39.99 14.84
N SER B 79 38.45 40.60 15.96
CA SER B 79 38.35 39.92 17.25
C SER B 79 37.21 38.86 17.25
N GLY B 80 36.59 38.65 16.09
CA GLY B 80 35.56 37.64 15.87
C GLY B 80 36.17 36.28 15.62
N LEU B 81 37.51 36.24 15.55
CA LEU B 81 38.31 35.03 15.35
C LEU B 81 38.78 34.51 16.70
N ARG B 82 38.17 35.03 17.79
CA ARG B 82 38.38 34.62 19.18
C ARG B 82 37.99 33.16 19.35
N ASN B 83 36.89 32.75 18.68
CA ASN B 83 36.30 31.41 18.75
C ASN B 83 37.21 30.28 18.25
N ALA B 84 38.19 30.57 17.35
CA ALA B 84 39.15 29.58 16.84
C ALA B 84 40.46 29.67 17.66
N PRO B 85 40.75 28.73 18.59
CA PRO B 85 41.95 28.84 19.42
C PRO B 85 43.29 28.76 18.69
N ARG B 86 43.39 27.91 17.65
CA ARG B 86 44.64 27.70 16.91
C ARG B 86 44.98 28.89 16.01
N CYS B 87 43.96 29.58 15.47
CA CYS B 87 44.16 30.75 14.61
C CYS B 87 44.33 32.03 15.45
N TRP B 88 43.50 32.21 16.51
CA TRP B 88 43.52 33.39 17.40
C TRP B 88 44.88 33.59 18.06
N ALA B 89 45.57 32.49 18.40
CA ALA B 89 46.88 32.52 19.06
C ALA B 89 47.96 33.17 18.19
N VAL B 90 47.91 32.99 16.85
CA VAL B 90 48.92 33.54 15.94
C VAL B 90 48.45 34.84 15.25
N ILE B 91 47.12 35.07 15.12
CA ILE B 91 46.62 36.26 14.43
C ILE B 91 46.76 37.54 15.31
N GLN B 92 46.59 37.41 16.65
CA GLN B 92 46.68 38.52 17.60
C GLN B 92 47.97 39.37 17.43
N PRO B 93 49.21 38.80 17.41
CA PRO B 93 50.40 39.65 17.23
C PRO B 93 50.49 40.31 15.85
N LEU B 94 49.97 39.64 14.81
CA LEU B 94 49.97 40.14 13.44
C LEU B 94 49.08 41.37 13.29
N LEU B 95 47.86 41.31 13.87
CA LEU B 95 46.87 42.40 13.80
C LEU B 95 47.35 43.66 14.52
N CYS B 96 47.99 43.53 15.70
CA CYS B 96 48.52 44.68 16.43
C CYS B 96 49.66 45.29 15.63
N ALA B 97 50.52 44.45 15.02
CA ALA B 97 51.65 44.87 14.20
C ALA B 97 51.24 45.61 12.91
N VAL B 98 49.96 45.46 12.47
CA VAL B 98 49.44 46.11 11.26
C VAL B 98 48.54 47.31 11.63
N TYR B 99 47.53 47.08 12.49
CA TYR B 99 46.55 48.09 12.91
C TYR B 99 47.12 49.12 13.88
N MET B 100 47.83 48.70 14.94
CA MET B 100 48.41 49.64 15.91
C MET B 100 49.95 49.47 15.94
N PRO B 101 50.71 49.77 14.84
CA PRO B 101 52.16 49.54 14.89
C PRO B 101 52.93 50.68 15.57
N LYS B 102 54.19 50.40 15.94
CA LYS B 102 55.06 51.38 16.59
C LYS B 102 55.58 52.40 15.58
N CYS B 103 55.37 53.68 15.90
CA CYS B 103 55.87 54.81 15.11
C CYS B 103 56.80 55.62 15.99
N GLU B 104 58.04 55.83 15.54
CA GLU B 104 59.03 56.59 16.29
C GLU B 104 59.91 57.40 15.34
N ASN B 105 59.95 58.74 15.55
CA ASN B 105 60.72 59.71 14.79
C ASN B 105 60.42 59.61 13.27
N ASP B 106 59.13 59.81 12.91
CA ASP B 106 58.57 59.75 11.54
C ASP B 106 58.94 58.43 10.81
N ARG B 107 58.95 57.30 11.57
CA ARG B 107 59.26 55.98 11.04
C ARG B 107 58.38 54.93 11.73
N VAL B 108 57.65 54.14 10.91
CA VAL B 108 56.77 53.09 11.42
C VAL B 108 57.48 51.72 11.20
N GLU B 109 57.46 50.86 12.25
CA GLU B 109 58.06 49.53 12.21
C GLU B 109 57.16 48.54 11.47
N LEU B 110 57.71 47.93 10.39
CA LEU B 110 57.01 46.94 9.56
C LEU B 110 57.01 45.55 10.21
N PRO B 111 55.94 44.75 10.08
CA PRO B 111 55.96 43.39 10.66
C PRO B 111 56.79 42.43 9.80
N SER B 112 57.43 41.42 10.43
CA SER B 112 58.26 40.45 9.69
C SER B 112 57.41 39.44 8.91
N ARG B 113 58.04 38.75 7.91
CA ARG B 113 57.43 37.74 7.05
C ARG B 113 57.03 36.49 7.85
N THR B 114 57.86 36.11 8.85
CA THR B 114 57.65 34.95 9.73
C THR B 114 56.39 35.12 10.62
N LEU B 115 56.04 36.39 10.95
CA LEU B 115 54.86 36.74 11.75
C LEU B 115 53.59 36.57 10.92
N CYS B 116 53.66 36.93 9.63
CA CYS B 116 52.58 36.85 8.65
C CYS B 116 52.32 35.39 8.24
N GLN B 117 53.38 34.67 7.83
CA GLN B 117 53.34 33.28 7.35
C GLN B 117 52.79 32.30 8.39
N ALA B 118 52.99 32.60 9.70
CA ALA B 118 52.54 31.77 10.82
C ALA B 118 51.00 31.69 10.92
N THR B 119 50.26 32.67 10.34
CA THR B 119 48.80 32.70 10.38
C THR B 119 48.15 31.93 9.22
N ARG B 120 48.75 31.98 8.01
CA ARG B 120 48.26 31.34 6.78
C ARG B 120 47.64 29.95 7.00
N GLY B 121 48.33 29.12 7.79
CA GLY B 121 47.92 27.77 8.14
C GLY B 121 46.68 27.67 9.01
N PRO B 122 46.75 28.02 10.31
CA PRO B 122 45.55 27.89 11.17
C PRO B 122 44.43 28.89 10.85
N CYS B 123 44.76 30.06 10.28
CA CYS B 123 43.78 31.07 9.88
C CYS B 123 43.37 30.88 8.40
N ALA B 124 43.15 29.60 8.01
CA ALA B 124 42.72 29.19 6.68
C ALA B 124 41.26 29.57 6.45
N ILE B 125 40.50 29.76 7.55
CA ILE B 125 39.10 30.19 7.59
C ILE B 125 38.92 31.55 6.91
N VAL B 126 39.93 32.44 7.01
CA VAL B 126 39.95 33.79 6.45
C VAL B 126 39.96 33.75 4.92
N GLU B 127 40.87 32.97 4.29
CA GLU B 127 40.96 32.88 2.83
C GLU B 127 39.79 32.10 2.21
N ARG B 128 39.03 31.35 3.04
CA ARG B 128 37.84 30.58 2.64
C ARG B 128 36.57 31.45 2.82
N GLU B 129 36.53 32.26 3.90
CA GLU B 129 35.40 33.12 4.26
C GLU B 129 35.28 34.36 3.34
N ARG B 130 36.21 35.33 3.47
CA ARG B 130 36.21 36.60 2.71
C ARG B 130 37.52 36.91 1.99
N GLY B 131 38.49 36.01 2.09
CA GLY B 131 39.80 36.18 1.47
C GLY B 131 40.72 37.11 2.24
N TRP B 132 42.04 36.88 2.15
CA TRP B 132 43.03 37.72 2.82
C TRP B 132 43.13 39.09 2.14
N PRO B 133 43.10 40.20 2.91
CA PRO B 133 43.23 41.53 2.28
C PRO B 133 44.64 41.73 1.70
N ASP B 134 44.75 42.57 0.66
CA ASP B 134 45.99 42.89 -0.06
C ASP B 134 47.17 43.25 0.88
N PHE B 135 46.89 44.02 1.96
CA PHE B 135 47.89 44.45 2.93
C PHE B 135 48.18 43.36 3.97
N LEU B 136 47.35 42.31 4.04
CA LEU B 136 47.56 41.21 4.99
C LEU B 136 48.09 39.93 4.31
N ARG B 137 48.36 40.00 2.99
CA ARG B 137 48.97 38.89 2.24
C ARG B 137 50.49 39.00 2.45
N CYS B 138 51.19 37.88 2.65
CA CYS B 138 52.63 37.88 2.94
C CYS B 138 53.49 38.11 1.69
N THR B 139 52.92 37.93 0.48
CA THR B 139 53.64 38.06 -0.80
C THR B 139 54.19 39.51 -1.04
N PRO B 140 53.43 40.64 -0.89
CA PRO B 140 54.02 41.97 -1.14
C PRO B 140 55.16 42.37 -0.18
N ASP B 141 55.85 43.48 -0.50
CA ASP B 141 56.98 44.06 0.23
C ASP B 141 56.62 44.54 1.66
N ARG B 142 55.33 44.47 2.05
CA ARG B 142 54.82 44.91 3.36
C ARG B 142 55.34 44.07 4.54
N PHE B 143 55.73 42.79 4.31
CA PHE B 143 56.27 41.93 5.38
C PHE B 143 57.71 41.48 5.02
N PRO B 144 58.75 42.30 5.34
CA PRO B 144 60.12 41.90 5.00
C PRO B 144 60.60 40.70 5.82
N GLU B 145 61.61 39.96 5.28
CA GLU B 145 62.17 38.71 5.78
C GLU B 145 62.40 38.65 7.31
N GLY B 146 63.49 39.25 7.80
CA GLY B 146 63.81 39.23 9.23
C GLY B 146 63.73 40.59 9.89
N CYS B 147 62.55 40.92 10.47
CA CYS B 147 62.34 42.20 11.14
C CYS B 147 62.11 42.04 12.62
N THR B 148 62.56 43.03 13.40
CA THR B 148 62.40 43.07 14.84
C THR B 148 60.94 43.44 15.12
N ASN B 149 60.19 42.45 15.64
CA ASN B 149 58.79 42.63 16.00
C ASN B 149 58.68 43.15 17.41
N GLU B 150 57.99 44.29 17.58
CA GLU B 150 57.74 44.90 18.89
C GLU B 150 56.64 44.08 19.61
N VAL B 151 55.87 43.29 18.82
CA VAL B 151 54.79 42.41 19.27
C VAL B 151 55.37 41.12 19.91
N GLN B 152 56.68 40.86 19.70
CA GLN B 152 57.40 39.71 20.28
C GLN B 152 57.60 39.94 21.78
N ASN B 153 57.79 41.21 22.17
CA ASN B 153 57.94 41.65 23.57
C ASN B 153 56.56 41.61 24.25
N ILE B 154 55.50 41.89 23.47
CA ILE B 154 54.11 41.91 23.94
C ILE B 154 53.59 40.47 24.11
N LYS B 155 52.94 40.19 25.25
CA LYS B 155 52.38 38.89 25.61
C LYS B 155 50.86 38.91 25.41
N PHE B 156 50.35 38.02 24.53
CA PHE B 156 48.92 37.89 24.23
C PHE B 156 48.38 36.66 24.97
N ASN B 157 47.96 36.89 26.23
CA ASN B 157 47.44 35.92 27.20
C ASN B 157 46.21 35.16 26.69
N SER B 158 45.37 35.80 25.86
CA SER B 158 44.13 35.22 25.34
C SER B 158 44.36 34.02 24.42
N SER B 159 43.84 32.85 24.85
CA SER B 159 43.75 31.60 24.11
C SER B 159 42.28 31.50 23.67
N GLY B 160 41.99 30.76 22.61
CA GLY B 160 40.61 30.65 22.13
C GLY B 160 39.67 29.79 22.96
N GLN B 161 38.35 30.05 22.81
CA GLN B 161 37.23 29.34 23.47
C GLN B 161 36.21 28.95 22.40
N CYS B 162 35.77 27.67 22.35
CA CYS B 162 34.83 27.24 21.30
C CYS B 162 33.41 27.70 21.57
N GLU B 163 32.81 28.33 20.55
CA GLU B 163 31.45 28.85 20.57
C GLU B 163 30.46 27.75 20.18
N VAL B 164 29.24 27.77 20.78
CA VAL B 164 28.15 26.82 20.55
C VAL B 164 27.85 26.74 19.03
N PRO B 165 27.70 25.54 18.42
CA PRO B 165 27.64 24.20 19.01
C PRO B 165 28.97 23.42 19.05
N LEU B 166 30.11 24.14 19.07
CA LEU B 166 31.41 23.48 19.12
C LEU B 166 31.91 23.40 20.55
N VAL B 167 32.73 22.38 20.84
CA VAL B 167 33.32 22.14 22.17
C VAL B 167 34.86 22.14 22.01
N ARG B 168 35.56 22.65 23.06
CA ARG B 168 37.01 22.74 23.12
C ARG B 168 37.65 21.35 23.15
N THR B 169 38.55 21.10 22.19
CA THR B 169 39.28 19.83 22.07
C THR B 169 40.70 20.10 21.56
N ASP B 170 41.64 19.30 22.06
CA ASP B 170 43.05 19.41 21.67
C ASP B 170 43.42 18.30 20.69
N ASN B 171 42.52 17.29 20.51
CA ASN B 171 42.70 16.17 19.59
C ASN B 171 42.50 16.66 18.13
N PRO B 172 43.51 16.51 17.24
CA PRO B 172 43.37 17.03 15.86
C PRO B 172 42.41 16.25 14.96
N LYS B 173 42.07 15.00 15.31
CA LYS B 173 41.16 14.14 14.53
C LYS B 173 39.70 14.56 14.71
N SER B 174 39.40 15.34 15.77
CA SER B 174 38.06 15.80 16.13
C SER B 174 37.74 17.23 15.66
N TRP B 175 38.76 18.00 15.18
CA TRP B 175 38.60 19.39 14.75
C TRP B 175 37.69 19.52 13.53
N TYR B 176 36.71 20.45 13.62
CA TYR B 176 35.71 20.73 12.61
C TYR B 176 36.31 21.56 11.49
N GLU B 177 36.59 20.88 10.35
CA GLU B 177 37.19 21.35 9.09
C GLU B 177 38.36 22.35 9.34
N ASP B 178 38.24 23.59 8.83
CA ASP B 178 39.24 24.66 8.94
C ASP B 178 39.30 25.30 10.35
N VAL B 179 38.22 25.17 11.17
CA VAL B 179 38.17 25.68 12.55
C VAL B 179 38.92 24.69 13.46
N GLU B 180 40.21 24.97 13.73
CA GLU B 180 41.05 24.10 14.54
C GLU B 180 40.95 24.44 16.03
N GLY B 181 40.91 23.42 16.86
CA GLY B 181 40.74 23.52 18.31
C GLY B 181 39.31 23.28 18.76
N CYS B 182 38.38 23.24 17.78
CA CYS B 182 36.94 23.06 18.02
C CYS B 182 36.40 21.82 17.32
N GLY B 183 35.53 21.09 18.01
CA GLY B 183 34.86 19.90 17.48
C GLY B 183 33.37 19.96 17.78
N ILE B 184 32.51 19.41 16.88
CA ILE B 184 31.06 19.42 17.05
C ILE B 184 30.71 18.58 18.29
N GLN B 185 29.91 19.14 19.23
CA GLN B 185 29.50 18.47 20.46
C GLN B 185 28.76 17.14 20.15
N CYS B 186 28.89 16.15 21.05
CA CYS B 186 28.32 14.80 20.92
C CYS B 186 26.78 14.83 20.71
N GLN B 187 26.05 15.60 21.54
CA GLN B 187 24.60 15.72 21.43
C GLN B 187 24.28 16.57 20.21
N ASN B 188 23.45 16.03 19.29
CA ASN B 188 23.05 16.65 18.03
C ASN B 188 22.59 18.10 18.28
N PRO B 189 23.37 19.10 17.78
CA PRO B 189 23.00 20.51 18.05
C PRO B 189 21.77 21.01 17.32
N LEU B 190 21.39 20.36 16.21
CA LEU B 190 20.23 20.79 15.43
C LEU B 190 18.90 20.39 16.09
N PHE B 191 18.92 19.56 17.17
CA PHE B 191 17.70 19.13 17.86
C PHE B 191 17.80 19.34 19.36
N THR B 192 16.67 19.73 19.98
CA THR B 192 16.55 19.99 21.42
C THR B 192 16.51 18.68 22.22
N GLU B 193 16.70 18.76 23.55
CA GLU B 193 16.64 17.61 24.47
C GLU B 193 15.21 17.01 24.49
N ALA B 194 14.18 17.88 24.33
CA ALA B 194 12.77 17.48 24.26
C ALA B 194 12.55 16.59 23.05
N GLU B 195 13.19 16.93 21.91
CA GLU B 195 13.13 16.17 20.66
C GLU B 195 13.97 14.90 20.76
N HIS B 196 15.07 14.93 21.55
CA HIS B 196 15.95 13.79 21.79
C HIS B 196 15.19 12.69 22.53
N GLN B 197 14.56 13.02 23.68
CA GLN B 197 13.77 12.11 24.51
C GLN B 197 12.54 11.56 23.77
N ASP B 198 11.93 12.38 22.90
CA ASP B 198 10.76 12.02 22.09
C ASP B 198 11.14 10.97 21.03
N MET B 199 12.31 11.14 20.37
CA MET B 199 12.79 10.20 19.37
C MET B 199 13.27 8.91 20.04
N HIS B 200 13.84 9.01 21.27
CA HIS B 200 14.29 7.84 22.04
C HIS B 200 13.11 7.01 22.50
N SER B 201 12.01 7.66 22.95
CA SER B 201 10.77 6.98 23.37
C SER B 201 10.12 6.26 22.18
N TYR B 202 10.26 6.84 20.96
CA TYR B 202 9.76 6.30 19.70
C TYR B 202 10.55 5.05 19.32
N ILE B 203 11.89 5.12 19.44
CA ILE B 203 12.81 4.01 19.12
C ILE B 203 12.61 2.89 20.17
N ALA B 204 12.41 3.26 21.45
CA ALA B 204 12.18 2.31 22.54
C ALA B 204 10.92 1.49 22.31
N ALA B 205 9.82 2.13 21.88
CA ALA B 205 8.53 1.51 21.61
C ALA B 205 8.60 0.54 20.42
N PHE B 206 9.07 1.01 19.25
CA PHE B 206 9.17 0.18 18.04
C PHE B 206 10.24 -0.89 18.14
N GLY B 207 11.37 -0.57 18.79
CA GLY B 207 12.48 -1.48 18.98
C GLY B 207 12.16 -2.70 19.83
N ALA B 208 11.47 -2.47 20.96
CA ALA B 208 11.09 -3.54 21.90
C ALA B 208 10.00 -4.43 21.33
N VAL B 209 8.96 -3.84 20.69
CA VAL B 209 7.84 -4.57 20.07
C VAL B 209 8.40 -5.49 18.96
N THR B 210 9.29 -4.97 18.08
CA THR B 210 9.92 -5.74 16.99
C THR B 210 10.79 -6.85 17.58
N GLY B 211 11.51 -6.51 18.66
CA GLY B 211 12.38 -7.44 19.39
C GLY B 211 11.62 -8.63 19.95
N LEU B 212 10.41 -8.39 20.50
CA LEU B 212 9.55 -9.40 21.09
C LEU B 212 8.80 -10.20 20.01
N CYS B 213 8.39 -9.53 18.91
CA CYS B 213 7.68 -10.14 17.78
C CYS B 213 8.56 -11.10 17.03
N THR B 214 9.81 -10.68 16.70
CA THR B 214 10.80 -11.50 15.98
C THR B 214 11.26 -12.68 16.82
N LEU B 215 11.53 -12.44 18.13
CA LEU B 215 11.97 -13.48 19.07
C LEU B 215 10.91 -14.58 19.18
N PHE B 216 9.62 -14.20 19.31
CA PHE B 216 8.50 -15.13 19.41
C PHE B 216 8.41 -16.00 18.14
N THR B 217 8.57 -15.36 16.96
CA THR B 217 8.54 -15.98 15.64
C THR B 217 9.71 -16.95 15.49
N LEU B 218 10.92 -16.52 15.89
CA LEU B 218 12.12 -17.36 15.84
C LEU B 218 11.98 -18.58 16.77
N ALA B 219 11.40 -18.36 17.97
CA ALA B 219 11.16 -19.38 19.00
C ALA B 219 10.24 -20.50 18.50
N THR B 220 9.20 -20.16 17.71
CA THR B 220 8.25 -21.15 17.19
C THR B 220 8.95 -22.00 16.12
N PHE B 221 9.78 -21.36 15.27
CA PHE B 221 10.54 -22.02 14.20
C PHE B 221 11.51 -23.05 14.76
N VAL B 222 12.23 -22.73 15.85
CA VAL B 222 13.19 -23.64 16.46
C VAL B 222 12.48 -24.76 17.28
N ALA B 223 11.26 -24.49 17.81
CA ALA B 223 10.47 -25.46 18.58
C ALA B 223 9.95 -26.61 17.71
N ASP B 224 9.68 -26.31 16.43
CA ASP B 224 9.20 -27.26 15.41
C ASP B 224 10.18 -27.25 14.21
N TRP B 225 11.50 -27.21 14.51
CA TRP B 225 12.62 -27.10 13.55
C TRP B 225 12.65 -28.17 12.44
N ARG B 226 12.27 -29.43 12.73
CA ARG B 226 12.30 -30.49 11.72
C ARG B 226 11.30 -30.26 10.59
N ASN B 227 10.21 -29.52 10.86
CA ASN B 227 9.17 -29.19 9.89
C ASN B 227 9.33 -27.74 9.38
N SER B 228 9.75 -26.82 10.28
CA SER B 228 9.96 -25.39 9.98
C SER B 228 11.07 -25.15 8.94
N ASN B 229 12.21 -25.89 9.05
CA ASN B 229 13.37 -25.76 8.17
C ASN B 229 13.07 -26.37 6.78
N ARG B 230 12.14 -25.73 6.05
CA ARG B 230 11.69 -26.11 4.71
C ARG B 230 11.29 -24.86 3.93
N TYR B 231 11.83 -24.72 2.70
CA TYR B 231 11.55 -23.60 1.80
C TYR B 231 10.10 -23.64 1.30
N PRO B 232 9.38 -22.50 1.20
CA PRO B 232 9.82 -21.11 1.44
C PRO B 232 9.55 -20.59 2.86
N ALA B 233 9.00 -21.44 3.77
CA ALA B 233 8.68 -21.07 5.15
C ALA B 233 9.93 -20.67 5.93
N VAL B 234 11.07 -21.32 5.66
CA VAL B 234 12.36 -21.07 6.31
C VAL B 234 12.94 -19.67 5.94
N ILE B 235 12.53 -19.08 4.79
CA ILE B 235 13.01 -17.77 4.34
C ILE B 235 12.62 -16.71 5.39
N LEU B 236 11.36 -16.73 5.84
CA LEU B 236 10.85 -15.77 6.83
C LEU B 236 11.51 -15.92 8.20
N PHE B 237 12.06 -17.11 8.52
CA PHE B 237 12.80 -17.34 9.77
C PHE B 237 14.08 -16.50 9.74
N TYR B 238 14.84 -16.60 8.63
CA TYR B 238 16.08 -15.85 8.41
C TYR B 238 15.81 -14.36 8.23
N VAL B 239 14.61 -13.99 7.72
CA VAL B 239 14.17 -12.59 7.58
C VAL B 239 13.97 -12.04 9.01
N ASN B 240 13.25 -12.80 9.87
CA ASN B 240 12.99 -12.45 11.27
C ASN B 240 14.27 -12.45 12.10
N ALA B 241 15.25 -13.30 11.74
CA ALA B 241 16.56 -13.37 12.39
C ALA B 241 17.32 -12.05 12.23
N CYS B 242 17.26 -11.46 11.01
CA CYS B 242 17.88 -10.19 10.66
C CYS B 242 17.27 -9.03 11.46
N PHE B 243 15.92 -8.94 11.48
CA PHE B 243 15.21 -7.89 12.20
C PHE B 243 15.35 -8.05 13.72
N PHE B 244 15.69 -9.27 14.21
CA PHE B 244 15.91 -9.50 15.64
C PHE B 244 17.30 -8.99 16.05
N VAL B 245 18.35 -9.36 15.28
CA VAL B 245 19.75 -8.94 15.50
C VAL B 245 19.83 -7.41 15.39
N GLY B 246 19.15 -6.85 14.40
CA GLY B 246 19.06 -5.41 14.16
C GLY B 246 18.43 -4.65 15.32
N SER B 247 17.38 -5.23 15.92
CA SER B 247 16.67 -4.65 17.07
C SER B 247 17.55 -4.58 18.31
N ILE B 248 18.44 -5.59 18.49
CA ILE B 248 19.41 -5.66 19.60
C ILE B 248 20.35 -4.45 19.53
N GLY B 249 20.80 -4.12 18.30
CA GLY B 249 21.65 -2.97 18.03
C GLY B 249 20.97 -1.64 18.27
N TRP B 250 19.69 -1.54 17.88
CA TRP B 250 18.88 -0.32 18.05
C TRP B 250 18.50 -0.10 19.52
N LEU B 251 18.36 -1.18 20.31
CA LEU B 251 17.99 -1.11 21.73
C LEU B 251 19.20 -1.00 22.67
N ALA B 252 20.44 -1.18 22.13
CA ALA B 252 21.71 -1.14 22.88
C ALA B 252 21.88 0.17 23.67
N GLN B 253 21.56 1.31 23.04
CA GLN B 253 21.64 2.68 23.58
C GLN B 253 20.87 2.88 24.89
N PHE B 254 19.81 2.07 25.13
CA PHE B 254 18.94 2.18 26.30
C PHE B 254 19.56 1.59 27.56
N MET B 255 20.77 0.99 27.46
CA MET B 255 21.51 0.50 28.62
C MET B 255 22.16 1.71 29.32
N ASP B 256 22.38 1.58 30.64
CA ASP B 256 22.96 2.64 31.48
C ASP B 256 24.29 3.18 30.92
N GLY B 257 24.20 4.40 30.37
CA GLY B 257 25.30 5.15 29.78
C GLY B 257 25.88 4.58 28.50
N ALA B 258 25.16 3.66 27.84
CA ALA B 258 25.62 3.01 26.60
C ALA B 258 25.57 3.94 25.41
N ARG B 259 24.51 4.78 25.30
CA ARG B 259 24.33 5.73 24.19
C ARG B 259 25.54 6.65 24.04
N ARG B 260 26.08 7.16 25.17
CA ARG B 260 27.24 8.05 25.19
C ARG B 260 28.54 7.27 24.92
N GLU B 261 28.57 5.95 25.20
CA GLU B 261 29.72 5.09 24.94
C GLU B 261 29.81 4.79 23.42
N ILE B 262 28.65 4.76 22.73
CA ILE B 262 28.55 4.47 21.30
C ILE B 262 28.64 5.76 20.46
N VAL B 263 27.97 6.85 20.87
CA VAL B 263 27.91 8.08 20.08
C VAL B 263 29.06 9.08 20.40
N CYS B 264 29.40 9.31 21.69
CA CYS B 264 30.43 10.30 22.06
C CYS B 264 31.85 9.78 21.92
N ARG B 265 32.78 10.70 21.64
CA ARG B 265 34.23 10.48 21.56
C ARG B 265 34.83 10.63 22.97
N ALA B 266 36.15 10.50 23.09
CA ALA B 266 36.87 10.63 24.36
C ALA B 266 36.83 12.07 24.89
N ASP B 267 37.00 13.07 23.99
CA ASP B 267 37.01 14.50 24.33
C ASP B 267 35.60 15.05 24.62
N GLY B 268 34.58 14.51 23.96
CA GLY B 268 33.20 14.94 24.13
C GLY B 268 32.53 15.37 22.84
N THR B 269 33.15 15.01 21.70
CA THR B 269 32.65 15.33 20.37
C THR B 269 31.89 14.09 19.80
N MET B 270 31.32 14.23 18.57
CA MET B 270 30.62 13.15 17.88
C MET B 270 31.61 12.16 17.29
N ARG B 271 31.30 10.85 17.34
CA ARG B 271 32.16 9.83 16.74
C ARG B 271 32.00 9.88 15.25
N LEU B 272 33.05 10.37 14.55
CA LEU B 272 33.01 10.54 13.10
C LEU B 272 34.23 9.88 12.44
N GLY B 273 33.99 9.33 11.24
CA GLY B 273 35.01 8.67 10.43
C GLY B 273 35.69 7.47 11.06
N GLU B 274 34.99 6.77 11.98
CA GLU B 274 35.54 5.57 12.66
C GLU B 274 35.55 4.40 11.63
N PRO B 275 36.48 3.39 11.69
CA PRO B 275 37.51 3.10 12.70
C PRO B 275 38.64 4.15 12.75
N THR B 276 38.74 4.85 13.90
CA THR B 276 39.77 5.87 14.20
C THR B 276 40.58 5.45 15.41
N SER B 277 41.86 5.85 15.43
CA SER B 277 42.81 5.55 16.52
C SER B 277 42.41 6.23 17.84
N ASN B 278 42.86 5.63 18.98
CA ASN B 278 42.64 6.07 20.37
C ASN B 278 41.13 6.03 20.76
N GLU B 279 40.35 5.09 20.18
CA GLU B 279 38.91 4.98 20.46
C GLU B 279 38.47 3.52 20.66
N THR B 280 37.35 3.31 21.38
CA THR B 280 36.80 1.97 21.64
C THR B 280 35.98 1.49 20.43
N LEU B 281 35.82 0.17 20.30
CA LEU B 281 35.09 -0.47 19.20
C LEU B 281 33.57 -0.37 19.35
N SER B 282 33.06 0.07 20.53
CA SER B 282 31.63 0.23 20.85
C SER B 282 30.78 0.83 19.71
N CYS B 283 31.35 1.75 18.90
CA CYS B 283 30.66 2.39 17.78
C CYS B 283 30.58 1.43 16.57
N VAL B 284 31.73 0.91 16.08
CA VAL B 284 31.79 0.01 14.92
C VAL B 284 31.07 -1.32 15.21
N ILE B 285 31.11 -1.80 16.48
CA ILE B 285 30.44 -3.03 16.90
C ILE B 285 28.93 -2.88 16.65
N ILE B 286 28.33 -1.78 17.16
CA ILE B 286 26.90 -1.47 17.00
C ILE B 286 26.58 -1.24 15.51
N PHE B 287 27.51 -0.60 14.75
CA PHE B 287 27.34 -0.35 13.31
C PHE B 287 27.19 -1.66 12.55
N VAL B 288 28.13 -2.61 12.75
CA VAL B 288 28.13 -3.91 12.08
C VAL B 288 26.80 -4.65 12.42
N ILE B 289 26.43 -4.70 13.72
CA ILE B 289 25.19 -5.33 14.20
C ILE B 289 23.95 -4.78 13.46
N VAL B 290 23.85 -3.44 13.34
CA VAL B 290 22.71 -2.78 12.71
C VAL B 290 22.77 -2.90 11.17
N TYR B 291 23.85 -2.41 10.52
CA TYR B 291 23.99 -2.39 9.06
C TYR B 291 24.01 -3.79 8.43
N TYR B 292 24.82 -4.74 8.96
CA TYR B 292 24.90 -6.10 8.40
C TYR B 292 23.52 -6.74 8.41
N ALA B 293 22.81 -6.70 9.57
CA ALA B 293 21.47 -7.25 9.74
C ALA B 293 20.45 -6.56 8.81
N LEU B 294 20.62 -5.25 8.58
CA LEU B 294 19.75 -4.45 7.71
C LEU B 294 19.86 -4.92 6.26
N MET B 295 21.09 -4.97 5.72
CA MET B 295 21.37 -5.37 4.33
C MET B 295 21.13 -6.85 4.10
N ALA B 296 21.32 -7.71 5.13
CA ALA B 296 21.04 -9.14 5.03
C ALA B 296 19.53 -9.39 4.94
N GLY B 297 18.75 -8.52 5.61
CA GLY B 297 17.30 -8.56 5.62
C GLY B 297 16.70 -8.20 4.28
N PHE B 298 17.35 -7.29 3.52
CA PHE B 298 16.90 -6.86 2.20
C PHE B 298 17.18 -7.92 1.13
N VAL B 299 18.32 -8.62 1.22
CA VAL B 299 18.66 -9.67 0.25
C VAL B 299 17.83 -10.94 0.53
N TRP B 300 17.44 -11.18 1.82
CA TRP B 300 16.58 -12.31 2.19
C TRP B 300 15.17 -12.04 1.68
N PHE B 301 14.79 -10.74 1.55
CA PHE B 301 13.51 -10.30 1.00
C PHE B 301 13.48 -10.62 -0.49
N VAL B 302 14.61 -10.41 -1.20
CA VAL B 302 14.75 -10.69 -2.62
C VAL B 302 14.64 -12.21 -2.83
N VAL B 303 15.19 -13.02 -1.90
CA VAL B 303 15.13 -14.49 -1.91
C VAL B 303 13.64 -14.89 -1.78
N LEU B 304 12.86 -14.14 -0.97
CA LEU B 304 11.43 -14.34 -0.77
C LEU B 304 10.67 -14.04 -2.07
N THR B 305 11.01 -12.90 -2.74
CA THR B 305 10.38 -12.49 -4.01
C THR B 305 10.70 -13.51 -5.11
N TYR B 306 11.94 -14.06 -5.10
CA TYR B 306 12.39 -15.08 -6.06
C TYR B 306 11.68 -16.42 -5.79
N ALA B 307 11.47 -16.76 -4.50
CA ALA B 307 10.79 -17.99 -4.09
C ALA B 307 9.33 -17.99 -4.56
N TRP B 308 8.64 -16.84 -4.39
CA TRP B 308 7.26 -16.61 -4.81
C TRP B 308 7.16 -16.67 -6.34
N HIS B 309 8.20 -16.20 -7.05
CA HIS B 309 8.30 -16.18 -8.51
C HIS B 309 8.40 -17.61 -9.05
N THR B 310 9.29 -18.42 -8.45
CA THR B 310 9.58 -19.81 -8.86
C THR B 310 8.57 -20.83 -8.29
N SER B 311 7.73 -20.43 -7.31
CA SER B 311 6.70 -21.32 -6.74
C SER B 311 5.66 -21.68 -7.79
N PHE B 312 5.41 -20.76 -8.74
CA PHE B 312 4.48 -20.93 -9.84
C PHE B 312 5.04 -21.84 -10.95
N LYS B 313 6.38 -21.99 -11.02
CA LYS B 313 7.02 -22.85 -12.03
C LYS B 313 6.94 -24.33 -11.60
N ALA B 314 6.59 -24.58 -10.33
CA ALA B 314 6.46 -25.91 -9.75
C ALA B 314 5.19 -26.65 -10.20
N LEU B 315 4.05 -25.93 -10.38
CA LEU B 315 2.78 -26.56 -10.80
C LEU B 315 2.83 -27.02 -12.27
N GLY B 316 3.42 -26.20 -13.13
CA GLY B 316 3.57 -26.49 -14.56
C GLY B 316 4.58 -27.60 -14.82
N THR B 317 4.06 -28.78 -15.25
CA THR B 317 4.79 -30.03 -15.58
C THR B 317 5.66 -30.52 -14.38
N THR B 318 6.98 -30.73 -14.59
CA THR B 318 7.94 -31.24 -13.58
C THR B 318 8.14 -30.24 -12.43
N TYR B 319 8.21 -30.77 -11.19
CA TYR B 319 8.38 -29.99 -9.94
C TYR B 319 9.78 -29.39 -9.85
N GLN B 320 9.86 -28.06 -9.60
CA GLN B 320 11.12 -27.31 -9.48
C GLN B 320 11.37 -26.94 -8.00
N PRO B 321 12.34 -27.61 -7.30
CA PRO B 321 12.52 -27.34 -5.87
C PRO B 321 13.55 -26.26 -5.51
N LEU B 322 13.26 -25.51 -4.44
CA LEU B 322 14.12 -24.44 -3.90
C LEU B 322 15.14 -25.00 -2.88
N SER B 323 14.96 -26.28 -2.41
CA SER B 323 15.86 -26.94 -1.46
C SER B 323 17.29 -27.14 -2.02
N GLY B 324 17.41 -27.22 -3.35
CA GLY B 324 18.69 -27.34 -4.03
C GLY B 324 19.44 -26.03 -4.13
N LYS B 325 18.70 -24.93 -4.39
CA LYS B 325 19.21 -23.55 -4.55
C LYS B 325 19.62 -22.88 -3.21
N THR B 326 19.64 -23.64 -2.08
CA THR B 326 20.02 -23.19 -0.74
C THR B 326 21.46 -22.63 -0.74
N SER B 327 22.36 -23.25 -1.55
CA SER B 327 23.75 -22.84 -1.71
C SER B 327 23.86 -21.41 -2.23
N TYR B 328 23.09 -21.06 -3.30
CA TYR B 328 23.07 -19.72 -3.90
C TYR B 328 22.50 -18.67 -2.94
N PHE B 329 21.48 -19.05 -2.14
CA PHE B 329 20.80 -18.16 -1.19
C PHE B 329 21.72 -17.77 -0.03
N HIS B 330 22.20 -18.76 0.74
CA HIS B 330 23.08 -18.57 1.90
C HIS B 330 24.43 -17.93 1.53
N LEU B 331 24.87 -18.08 0.27
CA LEU B 331 26.10 -17.46 -0.19
C LEU B 331 25.87 -15.95 -0.32
N LEU B 332 24.89 -15.55 -1.15
CA LEU B 332 24.54 -14.17 -1.43
C LEU B 332 23.99 -13.39 -0.23
N THR B 333 23.16 -14.03 0.62
CA THR B 333 22.54 -13.37 1.77
C THR B 333 23.51 -13.08 2.92
N TRP B 334 24.65 -13.79 2.98
CA TRP B 334 25.61 -13.57 4.07
C TRP B 334 26.94 -12.97 3.56
N SER B 335 27.30 -13.18 2.29
CA SER B 335 28.54 -12.62 1.74
C SER B 335 28.37 -11.16 1.26
N LEU B 336 27.29 -10.83 0.52
CA LEU B 336 27.03 -9.47 0.01
C LEU B 336 26.94 -8.40 1.13
N PRO B 337 26.26 -8.62 2.30
CA PRO B 337 26.28 -7.58 3.35
C PRO B 337 27.66 -7.42 3.95
N PHE B 338 28.43 -8.52 4.06
CA PHE B 338 29.79 -8.56 4.60
C PHE B 338 30.72 -7.70 3.74
N VAL B 339 30.65 -7.85 2.39
CA VAL B 339 31.47 -7.09 1.43
C VAL B 339 31.22 -5.58 1.63
N LEU B 340 29.93 -5.17 1.73
CA LEU B 340 29.53 -3.78 1.94
C LEU B 340 29.97 -3.25 3.31
N THR B 341 29.85 -4.07 4.38
CA THR B 341 30.26 -3.73 5.74
C THR B 341 31.78 -3.46 5.76
N VAL B 342 32.56 -4.38 5.14
CA VAL B 342 34.02 -4.31 5.03
C VAL B 342 34.41 -3.05 4.22
N ALA B 343 33.74 -2.82 3.07
CA ALA B 343 33.98 -1.67 2.18
C ALA B 343 33.79 -0.31 2.90
N ILE B 344 32.82 -0.23 3.85
CA ILE B 344 32.57 0.98 4.63
C ILE B 344 33.69 1.17 5.66
N LEU B 345 34.01 0.10 6.42
CA LEU B 345 35.04 0.12 7.46
C LEU B 345 36.43 0.43 6.87
N ALA B 346 36.64 0.09 5.57
CA ALA B 346 37.90 0.37 4.86
C ALA B 346 38.01 1.88 4.54
N VAL B 347 36.93 2.48 4.00
CA VAL B 347 36.88 3.92 3.67
C VAL B 347 36.65 4.75 4.95
N ALA B 348 36.33 4.06 6.08
CA ALA B 348 36.07 4.56 7.44
C ALA B 348 35.02 5.68 7.42
N GLN B 349 33.76 5.30 7.21
CA GLN B 349 32.65 6.25 7.15
C GLN B 349 31.58 5.94 8.21
N VAL B 350 32.01 5.32 9.34
CA VAL B 350 31.11 5.01 10.45
C VAL B 350 30.98 6.27 11.31
N ASP B 351 29.76 6.86 11.38
CA ASP B 351 29.46 8.06 12.16
C ASP B 351 28.35 7.79 13.17
N GLY B 352 28.39 8.48 14.31
CA GLY B 352 27.39 8.33 15.36
C GLY B 352 26.46 9.51 15.48
N ASP B 353 25.19 9.24 15.84
CA ASP B 353 24.16 10.26 16.03
C ASP B 353 23.45 10.02 17.38
N SER B 354 23.26 11.11 18.15
CA SER B 354 22.66 11.07 19.48
C SER B 354 21.14 10.84 19.47
N VAL B 355 20.41 11.36 18.44
CA VAL B 355 18.95 11.19 18.36
C VAL B 355 18.58 9.73 17.99
N SER B 356 19.29 9.16 16.99
CA SER B 356 19.08 7.78 16.56
C SER B 356 19.65 6.82 17.60
N GLY B 357 20.74 7.25 18.25
CA GLY B 357 21.43 6.50 19.30
C GLY B 357 22.24 5.31 18.79
N ILE B 358 22.56 5.30 17.48
CA ILE B 358 23.34 4.22 16.85
C ILE B 358 24.38 4.80 15.89
N CYS B 359 25.44 4.02 15.60
CA CYS B 359 26.49 4.36 14.65
C CYS B 359 26.10 3.82 13.27
N PHE B 360 26.17 4.66 12.23
CA PHE B 360 25.79 4.28 10.87
C PHE B 360 26.68 4.95 9.81
N VAL B 361 26.61 4.43 8.58
CA VAL B 361 27.36 4.90 7.42
C VAL B 361 26.73 6.17 6.80
N GLY B 362 27.60 7.12 6.45
CA GLY B 362 27.25 8.34 5.75
C GLY B 362 26.42 9.39 6.47
N TYR B 363 26.57 9.52 7.80
CA TYR B 363 25.85 10.56 8.54
C TYR B 363 26.49 11.92 8.23
N LYS B 364 27.85 11.98 8.25
CA LYS B 364 28.63 13.16 7.94
C LYS B 364 28.73 13.32 6.41
N ASN B 365 29.33 12.34 5.72
CA ASN B 365 29.49 12.34 4.27
C ASN B 365 28.33 11.57 3.64
N TYR B 366 27.22 12.30 3.37
CA TYR B 366 25.98 11.77 2.80
C TYR B 366 26.16 11.12 1.42
N ARG B 367 27.25 11.45 0.70
CA ARG B 367 27.57 10.87 -0.61
C ARG B 367 27.92 9.38 -0.46
N TYR B 368 28.42 8.97 0.73
CA TYR B 368 28.73 7.58 1.07
C TYR B 368 27.46 6.83 1.47
N ARG B 369 26.47 7.57 2.02
CA ARG B 369 25.16 7.02 2.40
C ARG B 369 24.37 6.66 1.14
N ALA B 370 24.59 7.38 0.04
CA ALA B 370 23.93 7.13 -1.24
C ALA B 370 24.41 5.83 -1.90
N GLY B 371 25.70 5.55 -1.80
CA GLY B 371 26.32 4.37 -2.39
C GLY B 371 26.29 3.10 -1.55
N PHE B 372 26.03 3.23 -0.24
CA PHE B 372 25.99 2.08 0.65
C PHE B 372 24.62 1.87 1.31
N VAL B 373 23.67 2.81 1.13
CA VAL B 373 22.32 2.68 1.70
C VAL B 373 21.29 2.83 0.57
N LEU B 374 21.33 3.95 -0.19
CA LEU B 374 20.38 4.19 -1.27
C LEU B 374 20.58 3.25 -2.47
N ALA B 375 21.84 2.93 -2.82
CA ALA B 375 22.14 2.03 -3.93
C ALA B 375 21.63 0.58 -3.67
N PRO B 376 21.96 -0.09 -2.53
CA PRO B 376 21.42 -1.45 -2.31
C PRO B 376 19.90 -1.49 -2.14
N ILE B 377 19.29 -0.45 -1.52
CA ILE B 377 17.83 -0.39 -1.33
C ILE B 377 17.17 -0.09 -2.70
N GLY B 378 17.86 0.68 -3.55
CA GLY B 378 17.40 0.98 -4.90
C GLY B 378 17.39 -0.29 -5.74
N LEU B 379 18.46 -1.11 -5.58
CA LEU B 379 18.64 -2.40 -6.26
C LEU B 379 17.59 -3.43 -5.80
N VAL B 380 17.38 -3.61 -4.48
CA VAL B 380 16.40 -4.59 -3.95
C VAL B 380 14.98 -4.23 -4.42
N LEU B 381 14.70 -2.93 -4.66
CA LEU B 381 13.40 -2.49 -5.18
C LEU B 381 13.23 -2.91 -6.64
N ILE B 382 14.32 -2.87 -7.41
CA ILE B 382 14.30 -3.25 -8.83
C ILE B 382 14.18 -4.78 -8.96
N VAL B 383 15.08 -5.54 -8.29
CA VAL B 383 15.13 -7.01 -8.33
C VAL B 383 13.88 -7.62 -7.68
N GLY B 384 13.60 -7.23 -6.43
CA GLY B 384 12.45 -7.69 -5.67
C GLY B 384 11.14 -7.39 -6.37
N GLY B 385 11.04 -6.17 -6.90
CA GLY B 385 9.89 -5.68 -7.67
C GLY B 385 9.64 -6.50 -8.92
N TYR B 386 10.71 -6.80 -9.67
CA TYR B 386 10.65 -7.61 -10.90
C TYR B 386 10.03 -8.98 -10.64
N PHE B 387 10.47 -9.68 -9.58
CA PHE B 387 9.96 -11.00 -9.24
C PHE B 387 8.52 -10.95 -8.73
N LEU B 388 8.14 -9.84 -8.07
CA LEU B 388 6.78 -9.64 -7.58
C LEU B 388 5.82 -9.34 -8.73
N ILE B 389 6.27 -8.55 -9.73
CA ILE B 389 5.47 -8.22 -10.92
C ILE B 389 5.33 -9.48 -11.79
N ARG B 390 6.47 -10.17 -12.08
CA ARG B 390 6.51 -11.40 -12.89
C ARG B 390 5.67 -12.53 -12.22
N GLY B 391 5.61 -12.51 -10.89
CA GLY B 391 4.87 -13.47 -10.06
C GLY B 391 3.38 -13.41 -10.26
N VAL B 392 2.79 -12.18 -10.12
CA VAL B 392 1.34 -11.97 -10.32
C VAL B 392 1.00 -12.13 -11.80
N MET B 393 1.95 -11.80 -12.69
CA MET B 393 1.78 -11.95 -14.14
C MET B 393 1.58 -13.42 -14.50
N THR B 394 2.32 -14.32 -13.83
CA THR B 394 2.23 -15.77 -14.01
C THR B 394 0.89 -16.26 -13.45
N LEU B 395 0.47 -15.72 -12.27
CA LEU B 395 -0.77 -16.10 -11.60
C LEU B 395 -1.99 -15.69 -12.43
N PHE B 396 -2.10 -14.40 -12.79
CA PHE B 396 -3.24 -13.87 -13.55
C PHE B 396 -3.29 -14.41 -14.99
N SER B 397 -2.14 -14.81 -15.59
CA SER B 397 -2.12 -15.40 -16.92
C SER B 397 -2.70 -16.81 -16.86
N ALA B 398 -2.21 -17.62 -15.89
CA ALA B 398 -2.65 -18.98 -15.63
C ALA B 398 -4.14 -19.04 -15.27
N ARG B 399 -4.59 -18.10 -14.44
CA ARG B 399 -5.97 -18.02 -14.01
C ARG B 399 -6.90 -17.55 -15.14
N ARG B 400 -6.40 -16.68 -16.06
CA ARG B 400 -7.22 -16.23 -17.17
C ARG B 400 -7.35 -17.33 -18.22
N GLN B 401 -6.25 -18.05 -18.51
CA GLN B 401 -6.23 -19.13 -19.51
C GLN B 401 -7.24 -20.25 -19.16
N LEU B 402 -7.42 -20.54 -17.85
CA LEU B 402 -8.40 -21.52 -17.37
C LEU B 402 -9.82 -20.97 -17.55
N ALA B 403 -10.03 -19.70 -17.13
CA ALA B 403 -11.29 -18.97 -17.22
C ALA B 403 -11.79 -18.87 -18.66
N ASP B 404 -10.87 -18.66 -19.62
CA ASP B 404 -11.20 -18.56 -21.05
C ASP B 404 -11.56 -19.93 -21.61
N LEU B 405 -10.88 -21.00 -21.14
CA LEU B 405 -11.14 -22.38 -21.57
C LEU B 405 -12.49 -22.85 -21.03
N GLU B 406 -12.79 -22.50 -19.76
CA GLU B 406 -14.05 -22.83 -19.09
C GLU B 406 -15.22 -22.15 -19.79
N ASP B 407 -14.98 -20.90 -20.26
CA ASP B 407 -15.94 -20.05 -20.99
C ASP B 407 -16.30 -20.73 -22.31
N ASN B 408 -15.28 -21.18 -23.06
CA ASN B 408 -15.44 -21.85 -24.36
C ASN B 408 -16.07 -23.23 -24.20
N TRP B 409 -15.70 -23.97 -23.14
CA TRP B 409 -16.24 -25.30 -22.87
C TRP B 409 -17.70 -25.21 -22.41
N GLU B 410 -18.09 -24.07 -21.78
CA GLU B 410 -19.47 -23.83 -21.38
C GLU B 410 -20.29 -23.36 -22.56
N THR B 411 -19.65 -22.67 -23.55
CA THR B 411 -20.31 -22.20 -24.78
C THR B 411 -20.70 -23.43 -25.63
N LEU B 412 -19.84 -24.47 -25.64
CA LEU B 412 -20.07 -25.71 -26.37
C LEU B 412 -21.26 -26.48 -25.79
N ASN B 413 -21.30 -26.64 -24.47
CA ASN B 413 -22.36 -27.38 -23.76
C ASN B 413 -23.71 -26.69 -23.87
N ASP B 414 -23.72 -25.34 -23.77
CA ASP B 414 -24.93 -24.52 -23.86
C ASP B 414 -25.51 -24.53 -25.26
N ASN B 415 -24.65 -24.46 -26.29
CA ASN B 415 -25.12 -24.48 -27.67
C ASN B 415 -25.58 -25.87 -28.11
N LEU B 416 -25.10 -26.94 -27.46
CA LEU B 416 -25.54 -28.31 -27.74
C LEU B 416 -27.01 -28.49 -27.38
N LYS B 417 -27.42 -27.89 -26.24
CA LYS B 417 -28.80 -27.89 -25.74
C LYS B 417 -29.71 -27.17 -26.73
N VAL B 418 -29.21 -26.04 -27.31
CA VAL B 418 -29.91 -25.22 -28.30
C VAL B 418 -30.19 -26.07 -29.56
N ILE B 419 -29.21 -26.88 -30.01
CA ILE B 419 -29.34 -27.76 -31.19
C ILE B 419 -30.34 -28.90 -30.86
N GLU B 420 -30.33 -29.41 -29.62
CA GLU B 420 -31.26 -30.46 -29.18
C GLU B 420 -32.72 -29.98 -29.23
N LYS B 421 -32.96 -28.75 -28.75
CA LYS B 421 -34.29 -28.12 -28.65
C LYS B 421 -34.75 -27.44 -29.95
N ALA B 422 -33.85 -27.31 -30.93
CA ALA B 422 -34.10 -26.64 -32.20
C ALA B 422 -35.22 -27.29 -33.05
N ASP B 423 -36.16 -26.44 -33.48
CA ASP B 423 -37.26 -26.77 -34.39
C ASP B 423 -36.90 -26.32 -35.80
N ASN B 424 -35.82 -25.54 -35.97
CA ASN B 424 -35.40 -25.08 -37.29
C ASN B 424 -33.87 -25.04 -37.44
N ALA B 425 -33.42 -25.04 -38.71
CA ALA B 425 -32.02 -25.05 -39.13
C ALA B 425 -31.26 -23.81 -38.70
N ALA B 426 -31.88 -22.60 -38.83
CA ALA B 426 -31.22 -21.33 -38.48
C ALA B 426 -30.75 -21.33 -37.04
N GLN B 427 -31.47 -22.06 -36.16
CA GLN B 427 -31.15 -22.26 -34.74
C GLN B 427 -29.89 -23.09 -34.61
N VAL B 428 -29.86 -24.20 -35.37
CA VAL B 428 -28.79 -25.19 -35.43
C VAL B 428 -27.51 -24.54 -35.98
N LYS B 429 -27.65 -23.76 -37.09
CA LYS B 429 -26.55 -23.04 -37.76
C LYS B 429 -25.90 -22.01 -36.83
N ASP B 430 -26.71 -21.22 -36.10
CA ASP B 430 -26.27 -20.18 -35.17
C ASP B 430 -25.54 -20.79 -33.97
N ALA B 431 -26.03 -21.93 -33.44
CA ALA B 431 -25.41 -22.60 -32.29
C ALA B 431 -24.08 -23.25 -32.68
N LEU B 432 -23.99 -23.84 -33.90
CA LEU B 432 -22.78 -24.49 -34.41
C LEU B 432 -21.68 -23.48 -34.69
N THR B 433 -21.99 -22.30 -35.28
CA THR B 433 -21.00 -21.25 -35.57
C THR B 433 -20.39 -20.74 -34.26
N LYS B 434 -21.23 -20.57 -33.21
CA LYS B 434 -20.83 -20.15 -31.87
C LYS B 434 -19.94 -21.22 -31.23
N MET B 435 -20.22 -22.51 -31.51
CA MET B 435 -19.44 -23.66 -31.03
C MET B 435 -18.10 -23.72 -31.74
N ARG B 436 -18.07 -23.40 -33.06
CA ARG B 436 -16.87 -23.41 -33.89
C ARG B 436 -15.88 -22.34 -33.40
N ALA B 437 -16.40 -21.13 -33.10
CA ALA B 437 -15.61 -20.02 -32.57
C ALA B 437 -15.05 -20.35 -31.19
N ALA B 438 -15.85 -21.04 -30.35
CA ALA B 438 -15.47 -21.47 -29.01
C ALA B 438 -14.40 -22.57 -29.06
N ALA B 439 -14.55 -23.55 -29.96
CA ALA B 439 -13.60 -24.67 -30.12
C ALA B 439 -12.23 -24.19 -30.61
N LEU B 440 -12.20 -23.30 -31.63
CA LEU B 440 -10.98 -22.75 -32.22
C LEU B 440 -10.23 -21.84 -31.23
N ASP B 441 -10.97 -21.12 -30.38
CA ASP B 441 -10.44 -20.24 -29.35
C ASP B 441 -9.80 -21.09 -28.23
N ALA B 442 -10.50 -22.17 -27.79
CA ALA B 442 -10.03 -23.09 -26.74
C ALA B 442 -8.80 -23.86 -27.20
N GLN B 443 -8.68 -24.07 -28.52
CA GLN B 443 -7.56 -24.75 -29.16
C GLN B 443 -6.25 -23.94 -29.00
N LYS B 444 -6.35 -22.59 -29.02
CA LYS B 444 -5.23 -21.65 -28.92
C LYS B 444 -4.58 -21.59 -27.52
N ALA B 445 -5.33 -21.98 -26.46
CA ALA B 445 -4.91 -21.95 -25.04
C ALA B 445 -3.62 -22.75 -24.77
N THR B 446 -2.75 -22.21 -23.89
CA THR B 446 -1.44 -22.78 -23.52
C THR B 446 -1.24 -22.74 -21.98
N PRO B 447 -0.73 -23.82 -21.32
CA PRO B 447 -0.52 -23.75 -19.86
C PRO B 447 0.74 -22.92 -19.51
N PRO B 448 0.93 -22.48 -18.24
CA PRO B 448 2.14 -21.69 -17.91
C PRO B 448 3.40 -22.55 -17.90
N SER B 454 5.06 -26.78 -22.35
CA SER B 454 5.70 -26.48 -23.62
C SER B 454 4.66 -26.31 -24.75
N PRO B 455 4.83 -25.35 -25.69
CA PRO B 455 3.83 -25.21 -26.77
C PRO B 455 3.94 -26.32 -27.82
N ASP B 456 5.14 -26.94 -27.88
CA ASP B 456 5.51 -28.03 -28.79
C ASP B 456 5.12 -29.40 -28.19
N SER B 457 4.89 -29.46 -26.85
CA SER B 457 4.56 -30.62 -26.01
C SER B 457 3.58 -31.62 -26.67
N PRO B 458 3.81 -32.96 -26.52
CA PRO B 458 2.89 -33.94 -27.13
C PRO B 458 1.48 -33.91 -26.51
N GLU B 459 1.36 -33.50 -25.23
CA GLU B 459 0.08 -33.37 -24.53
C GLU B 459 -0.73 -32.28 -25.20
N MET B 460 -0.07 -31.15 -25.55
CA MET B 460 -0.67 -30.02 -26.23
C MET B 460 -1.07 -30.39 -27.66
N LYS B 461 -0.26 -31.24 -28.33
CA LYS B 461 -0.51 -31.73 -29.69
C LYS B 461 -1.82 -32.54 -29.74
N ASP B 462 -2.03 -33.45 -28.76
CA ASP B 462 -3.23 -34.30 -28.63
C ASP B 462 -4.44 -33.47 -28.22
N PHE B 463 -4.19 -32.36 -27.49
CA PHE B 463 -5.21 -31.41 -27.05
C PHE B 463 -5.71 -30.62 -28.26
N ARG B 464 -4.78 -30.02 -29.04
CA ARG B 464 -5.10 -29.25 -30.25
C ARG B 464 -5.80 -30.14 -31.29
N HIS B 465 -5.35 -31.41 -31.42
CA HIS B 465 -5.93 -32.38 -32.36
C HIS B 465 -7.37 -32.74 -31.96
N GLY B 466 -7.66 -32.75 -30.66
CA GLY B 466 -8.99 -33.02 -30.13
C GLY B 466 -10.05 -32.05 -30.61
N PHE B 467 -9.64 -30.78 -30.82
CA PHE B 467 -10.49 -29.71 -31.33
C PHE B 467 -10.48 -29.72 -32.85
N ASP B 468 -9.38 -30.20 -33.47
CA ASP B 468 -9.28 -30.32 -34.93
C ASP B 468 -10.35 -31.29 -35.43
N ILE B 469 -10.59 -32.38 -34.66
CA ILE B 469 -11.63 -33.38 -34.95
C ILE B 469 -13.00 -32.73 -34.74
N LEU B 470 -13.16 -32.04 -33.60
CA LEU B 470 -14.39 -31.37 -33.18
C LEU B 470 -14.84 -30.30 -34.18
N VAL B 471 -13.94 -29.39 -34.62
CA VAL B 471 -14.23 -28.32 -35.59
C VAL B 471 -14.61 -28.97 -36.93
N GLY B 472 -13.88 -30.01 -37.31
CA GLY B 472 -14.13 -30.81 -38.51
C GLY B 472 -15.52 -31.41 -38.50
N GLN B 473 -15.96 -31.86 -37.32
CA GLN B 473 -17.28 -32.46 -37.10
C GLN B 473 -18.37 -31.38 -37.06
N ILE B 474 -18.02 -30.16 -36.56
CA ILE B 474 -18.94 -29.00 -36.49
C ILE B 474 -19.21 -28.53 -37.93
N ASP B 475 -18.14 -28.47 -38.76
CA ASP B 475 -18.21 -28.06 -40.17
C ASP B 475 -19.12 -29.00 -40.96
N ASP B 476 -19.05 -30.32 -40.67
CA ASP B 476 -19.87 -31.35 -41.31
C ASP B 476 -21.34 -31.19 -40.89
N ALA B 477 -21.56 -30.81 -39.61
CA ALA B 477 -22.89 -30.56 -39.05
C ALA B 477 -23.50 -29.26 -39.61
N LEU B 478 -22.64 -28.24 -39.86
CA LEU B 478 -23.01 -26.95 -40.44
C LEU B 478 -23.46 -27.10 -41.87
N LYS B 479 -22.76 -27.99 -42.63
CA LYS B 479 -23.06 -28.31 -44.03
C LYS B 479 -24.47 -28.90 -44.12
N LEU B 480 -24.82 -29.80 -43.17
CA LEU B 480 -26.14 -30.43 -43.07
C LEU B 480 -27.23 -29.38 -42.77
N ALA B 481 -26.90 -28.41 -41.88
CA ALA B 481 -27.80 -27.32 -41.50
C ALA B 481 -28.03 -26.37 -42.66
N ASN B 482 -26.99 -26.14 -43.49
CA ASN B 482 -27.04 -25.29 -44.68
C ASN B 482 -27.91 -25.93 -45.76
N GLU B 483 -27.90 -27.28 -45.84
CA GLU B 483 -28.72 -28.07 -46.78
C GLU B 483 -30.17 -28.16 -46.27
N GLY B 484 -30.38 -27.82 -45.00
CA GLY B 484 -31.69 -27.82 -44.36
C GLY B 484 -32.04 -29.07 -43.60
N LYS B 485 -31.10 -30.04 -43.55
CA LYS B 485 -31.27 -31.31 -42.86
C LYS B 485 -31.08 -31.10 -41.34
N VAL B 486 -32.16 -30.68 -40.65
CA VAL B 486 -32.17 -30.39 -39.21
C VAL B 486 -31.94 -31.67 -38.42
N LYS B 487 -32.71 -32.74 -38.72
CA LYS B 487 -32.64 -34.05 -38.06
C LYS B 487 -31.25 -34.69 -38.21
N GLU B 488 -30.62 -34.52 -39.38
CA GLU B 488 -29.29 -35.04 -39.68
C GLU B 488 -28.20 -34.23 -38.97
N ALA B 489 -28.39 -32.89 -38.86
CA ALA B 489 -27.45 -31.99 -38.18
C ALA B 489 -27.54 -32.15 -36.66
N GLN B 490 -28.75 -32.47 -36.14
CA GLN B 490 -29.01 -32.73 -34.73
C GLN B 490 -28.35 -34.03 -34.27
N ALA B 491 -28.39 -35.06 -35.14
CA ALA B 491 -27.80 -36.38 -34.91
C ALA B 491 -26.27 -36.28 -34.93
N ALA B 492 -25.73 -35.45 -35.84
CA ALA B 492 -24.29 -35.18 -35.97
C ALA B 492 -23.78 -34.42 -34.74
N ALA B 493 -24.67 -33.64 -34.10
CA ALA B 493 -24.39 -32.87 -32.89
C ALA B 493 -24.29 -33.77 -31.66
N GLU B 494 -24.98 -34.92 -31.68
CA GLU B 494 -24.93 -35.89 -30.58
C GLU B 494 -23.54 -36.55 -30.54
N GLN B 495 -22.86 -36.62 -31.71
CA GLN B 495 -21.51 -37.19 -31.85
C GLN B 495 -20.44 -36.19 -31.41
N LEU B 496 -20.80 -34.90 -31.32
CA LEU B 496 -19.89 -33.86 -30.83
C LEU B 496 -19.68 -34.05 -29.33
N LYS B 497 -20.69 -34.62 -28.64
CA LYS B 497 -20.69 -34.91 -27.20
C LYS B 497 -19.64 -35.97 -26.86
N THR B 498 -19.59 -37.05 -27.67
CA THR B 498 -18.69 -38.18 -27.53
C THR B 498 -17.24 -37.78 -27.84
N THR B 499 -17.04 -36.90 -28.85
CA THR B 499 -15.72 -36.37 -29.26
C THR B 499 -15.17 -35.54 -28.09
N ARG B 500 -16.05 -34.68 -27.52
CA ARG B 500 -15.78 -33.80 -26.38
C ARG B 500 -15.35 -34.63 -25.15
N ASN B 501 -16.07 -35.74 -24.87
CA ASN B 501 -15.77 -36.61 -23.73
C ASN B 501 -14.49 -37.41 -23.93
N ALA B 502 -14.23 -37.89 -25.16
CA ALA B 502 -13.06 -38.73 -25.47
C ALA B 502 -11.73 -37.96 -25.49
N TYR B 503 -11.73 -36.71 -26.00
CA TYR B 503 -10.49 -35.95 -26.12
C TYR B 503 -10.42 -34.73 -25.20
N ILE B 504 -11.37 -33.80 -25.33
CA ILE B 504 -11.42 -32.50 -24.66
C ILE B 504 -11.54 -32.64 -23.12
N GLN B 505 -12.53 -33.41 -22.60
CA GLN B 505 -12.80 -33.57 -21.16
C GLN B 505 -11.55 -33.97 -20.34
N LYS B 506 -10.75 -34.91 -20.85
CA LYS B 506 -9.51 -35.40 -20.22
C LYS B 506 -8.53 -34.25 -19.86
N TYR B 507 -8.46 -33.22 -20.73
CA TYR B 507 -7.59 -32.06 -20.57
C TYR B 507 -8.26 -30.92 -19.78
N LEU B 508 -9.61 -30.82 -19.80
CA LEU B 508 -10.34 -29.80 -19.04
C LEU B 508 -10.15 -30.01 -17.54
N GLU B 509 -10.15 -31.29 -17.13
CA GLU B 509 -9.96 -31.74 -15.76
C GLU B 509 -8.52 -31.45 -15.29
N ARG B 510 -7.54 -31.65 -16.20
CA ARG B 510 -6.11 -31.42 -15.96
C ARG B 510 -5.81 -29.94 -15.69
N ALA B 511 -6.45 -29.04 -16.46
CA ALA B 511 -6.28 -27.58 -16.33
C ALA B 511 -6.78 -27.10 -14.98
N ARG B 512 -7.88 -27.69 -14.49
CA ARG B 512 -8.50 -27.35 -13.21
C ARG B 512 -7.64 -27.82 -12.04
N SER B 513 -7.06 -29.05 -12.12
CA SER B 513 -6.22 -29.65 -11.08
C SER B 513 -4.89 -28.91 -10.87
N THR B 514 -4.24 -28.47 -11.96
CA THR B 514 -2.96 -27.75 -11.92
C THR B 514 -3.10 -26.39 -11.21
N LEU B 515 -4.22 -25.68 -11.45
CA LEU B 515 -4.50 -24.40 -10.81
C LEU B 515 -4.98 -24.58 -9.36
N SER B 516 -5.51 -25.77 -9.02
CA SER B 516 -5.97 -26.10 -7.67
C SER B 516 -4.79 -26.38 -6.76
N LYS B 517 -3.64 -26.73 -7.36
CA LYS B 517 -2.39 -27.03 -6.66
C LYS B 517 -1.77 -25.76 -6.03
N ILE B 518 -2.26 -24.55 -6.41
CA ILE B 518 -1.84 -23.26 -5.85
C ILE B 518 -2.45 -23.17 -4.43
N ASN B 519 -1.66 -23.50 -3.40
CA ASN B 519 -2.12 -23.49 -2.01
C ASN B 519 -2.05 -22.08 -1.40
N GLU B 520 -2.70 -21.91 -0.22
CA GLU B 520 -2.78 -20.64 0.51
C GLU B 520 -1.39 -20.12 0.88
N THR B 521 -0.48 -21.02 1.33
CA THR B 521 0.91 -20.70 1.74
C THR B 521 1.68 -19.99 0.61
N MET B 522 1.40 -20.40 -0.64
CA MET B 522 1.99 -19.85 -1.87
C MET B 522 1.56 -18.39 -2.06
N LEU B 523 0.24 -18.13 -2.01
CA LEU B 523 -0.33 -16.79 -2.18
C LEU B 523 -0.03 -15.90 -0.98
N ARG B 524 0.03 -16.50 0.23
CA ARG B 524 0.35 -15.81 1.48
C ARG B 524 1.78 -15.27 1.42
N LEU B 525 2.70 -16.03 0.79
CA LEU B 525 4.09 -15.64 0.59
C LEU B 525 4.16 -14.37 -0.26
N GLY B 526 3.31 -14.27 -1.29
CA GLY B 526 3.21 -13.11 -2.17
C GLY B 526 2.64 -11.90 -1.46
N ILE B 527 1.64 -12.10 -0.58
CA ILE B 527 1.00 -11.05 0.21
C ILE B 527 2.07 -10.41 1.10
N PHE B 528 2.89 -11.25 1.76
CA PHE B 528 4.00 -10.83 2.61
C PHE B 528 5.07 -10.14 1.78
N GLY B 529 5.31 -10.64 0.56
CA GLY B 529 6.25 -10.10 -0.40
C GLY B 529 5.93 -8.67 -0.80
N PHE B 530 4.66 -8.40 -1.12
CA PHE B 530 4.20 -7.05 -1.47
C PHE B 530 4.18 -6.17 -0.23
N LEU B 531 3.80 -6.76 0.93
CA LEU B 531 3.73 -6.07 2.23
C LEU B 531 5.13 -5.60 2.63
N ALA B 532 6.15 -6.44 2.39
CA ALA B 532 7.55 -6.12 2.65
C ALA B 532 8.06 -5.10 1.64
N PHE B 533 7.63 -5.22 0.35
CA PHE B 533 7.99 -4.30 -0.73
C PHE B 533 7.56 -2.87 -0.41
N GLY B 534 6.36 -2.72 0.14
CA GLY B 534 5.78 -1.43 0.53
C GLY B 534 6.70 -0.67 1.46
N PHE B 535 7.06 -1.30 2.60
CA PHE B 535 7.95 -0.75 3.61
C PHE B 535 9.35 -0.43 3.06
N VAL B 536 9.86 -1.24 2.11
CA VAL B 536 11.17 -1.03 1.46
C VAL B 536 11.07 0.22 0.57
N LEU B 537 9.93 0.39 -0.14
CA LEU B 537 9.66 1.56 -0.98
C LEU B 537 9.59 2.85 -0.16
N ILE B 538 9.04 2.75 1.08
CA ILE B 538 8.94 3.87 2.02
C ILE B 538 10.34 4.20 2.57
N THR B 539 11.11 3.17 2.99
CA THR B 539 12.49 3.30 3.52
C THR B 539 13.35 4.05 2.50
N PHE B 540 13.26 3.65 1.21
CA PHE B 540 13.99 4.27 0.11
C PHE B 540 13.67 5.76 0.02
N SER B 541 12.37 6.10 0.02
CA SER B 541 11.84 7.47 -0.08
C SER B 541 12.36 8.36 1.05
N CYS B 542 12.55 7.80 2.26
CA CYS B 542 13.04 8.53 3.43
C CYS B 542 14.55 8.81 3.27
N HIS B 543 15.35 7.79 2.87
CA HIS B 543 16.79 7.98 2.66
C HIS B 543 17.05 8.90 1.45
N PHE B 544 16.14 8.86 0.45
CA PHE B 544 16.21 9.71 -0.74
C PHE B 544 15.96 11.17 -0.37
N TYR B 545 15.01 11.43 0.56
CA TYR B 545 14.68 12.77 1.04
C TYR B 545 15.86 13.36 1.82
N ASP B 546 16.47 12.55 2.72
CA ASP B 546 17.62 12.95 3.54
C ASP B 546 18.84 13.24 2.67
N PHE B 547 19.02 12.46 1.59
CA PHE B 547 20.11 12.61 0.63
C PHE B 547 19.93 13.88 -0.21
N PHE B 548 18.71 14.13 -0.69
CA PHE B 548 18.35 15.30 -1.52
C PHE B 548 18.50 16.63 -0.77
N ASN B 549 18.21 16.67 0.54
CA ASN B 549 18.24 17.90 1.31
C ASN B 549 19.45 18.04 2.28
N GLN B 550 20.37 17.05 2.33
CA GLN B 550 21.55 17.11 3.22
C GLN B 550 22.47 18.29 2.85
N ALA B 551 22.60 18.58 1.54
CA ALA B 551 23.40 19.66 0.97
C ALA B 551 23.06 21.03 1.61
N GLU B 552 21.76 21.34 1.74
CA GLU B 552 21.30 22.59 2.36
C GLU B 552 21.42 22.53 3.89
N TRP B 553 21.19 21.34 4.51
CA TRP B 553 21.27 21.16 5.96
C TRP B 553 22.69 21.41 6.48
N GLU B 554 23.72 21.05 5.68
CA GLU B 554 25.14 21.26 6.01
C GLU B 554 25.48 22.75 5.84
N ARG B 555 24.92 23.41 4.80
CA ARG B 555 25.10 24.84 4.51
C ARG B 555 24.46 25.70 5.61
N SER B 556 23.27 25.28 6.10
CA SER B 556 22.54 25.96 7.17
C SER B 556 23.27 25.85 8.50
N PHE B 557 24.03 24.76 8.71
CA PHE B 557 24.84 24.56 9.91
C PHE B 557 26.13 25.35 9.79
N ARG B 558 26.70 25.41 8.56
CA ARG B 558 27.91 26.17 8.25
C ARG B 558 27.69 27.66 8.56
N ASP B 559 26.58 28.23 8.05
CA ASP B 559 26.19 29.62 8.29
C ASP B 559 25.81 29.89 9.76
N TYR B 560 25.29 28.86 10.47
CA TYR B 560 24.91 28.97 11.88
C TYR B 560 26.15 29.08 12.77
N VAL B 561 27.17 28.24 12.51
CA VAL B 561 28.45 28.20 13.24
C VAL B 561 29.20 29.54 13.03
N LEU B 562 29.33 29.98 11.75
CA LEU B 562 29.99 31.25 11.38
C LEU B 562 29.28 32.46 11.98
N CYS B 563 27.95 32.35 12.18
CA CYS B 563 27.12 33.38 12.78
C CYS B 563 27.48 33.56 14.27
N GLN B 564 27.76 32.44 14.96
CA GLN B 564 28.13 32.38 16.38
C GLN B 564 29.59 32.79 16.59
N CYS B 580 21.80 33.10 17.16
CA CYS B 580 21.65 32.79 15.72
C CYS B 580 20.69 31.63 15.54
N GLU B 581 20.19 31.45 14.30
CA GLU B 581 19.22 30.40 13.96
C GLU B 581 19.73 29.50 12.82
N ILE B 582 19.10 28.32 12.66
CA ILE B 582 19.39 27.32 11.61
C ILE B 582 18.27 27.40 10.57
N LYS B 583 18.62 27.68 9.30
CA LYS B 583 17.68 27.79 8.16
C LYS B 583 16.78 26.56 8.04
N ASN B 584 17.41 25.38 7.88
CA ASN B 584 16.73 24.10 7.74
C ASN B 584 17.52 22.98 8.39
N ARG B 585 16.81 21.96 8.88
CA ARG B 585 17.37 20.80 9.57
C ARG B 585 16.60 19.51 9.15
N PRO B 586 17.12 18.29 9.46
CA PRO B 586 16.39 17.07 9.06
C PRO B 586 15.03 16.95 9.74
N SER B 587 14.03 16.45 8.99
CA SER B 587 12.67 16.27 9.50
C SER B 587 12.61 15.02 10.38
N LEU B 588 12.19 15.22 11.65
CA LEU B 588 12.04 14.15 12.64
C LEU B 588 10.85 13.24 12.27
N LEU B 589 9.89 13.78 11.50
CA LEU B 589 8.72 13.05 11.01
C LEU B 589 9.17 12.03 9.97
N VAL B 590 10.07 12.45 9.04
CA VAL B 590 10.64 11.60 7.98
C VAL B 590 11.43 10.47 8.66
N GLU B 591 12.20 10.80 9.72
CA GLU B 591 12.98 9.84 10.51
C GLU B 591 12.05 8.82 11.17
N LYS B 592 10.95 9.30 11.79
CA LYS B 592 9.93 8.47 12.44
C LYS B 592 9.25 7.54 11.42
N ILE B 593 8.95 8.07 10.20
CA ILE B 593 8.35 7.31 9.11
C ILE B 593 9.34 6.22 8.64
N ASN B 594 10.64 6.54 8.60
CA ASN B 594 11.69 5.58 8.22
C ASN B 594 11.78 4.46 9.25
N LEU B 595 11.74 4.82 10.56
CA LEU B 595 11.79 3.86 11.67
C LEU B 595 10.54 2.98 11.66
N PHE B 596 9.36 3.58 11.35
CA PHE B 596 8.09 2.87 11.26
C PHE B 596 8.14 1.85 10.11
N ALA B 597 8.77 2.22 8.98
CA ALA B 597 8.92 1.35 7.82
C ALA B 597 9.91 0.21 8.11
N MET B 598 11.07 0.53 8.73
CA MET B 598 12.12 -0.43 9.10
C MET B 598 11.58 -1.45 10.12
N PHE B 599 11.10 -0.97 11.29
CA PHE B 599 10.56 -1.81 12.36
C PHE B 599 9.21 -2.43 11.99
N GLY B 600 8.47 -1.77 11.09
CA GLY B 600 7.18 -2.24 10.59
C GLY B 600 7.29 -3.56 9.85
N THR B 601 8.36 -3.71 9.04
CA THR B 601 8.68 -4.93 8.29
C THR B 601 8.95 -6.06 9.28
N GLY B 602 9.77 -5.79 10.29
CA GLY B 602 10.12 -6.74 11.36
C GLY B 602 8.93 -7.27 12.13
N ILE B 603 7.87 -6.46 12.28
CA ILE B 603 6.63 -6.84 12.96
C ILE B 603 5.74 -7.58 11.96
N ALA B 604 5.58 -7.04 10.73
CA ALA B 604 4.75 -7.63 9.68
C ALA B 604 5.24 -9.01 9.26
N MET B 605 6.57 -9.22 9.16
CA MET B 605 7.16 -10.51 8.78
C MET B 605 7.04 -11.52 9.93
N SER B 606 6.86 -11.03 11.18
CA SER B 606 6.70 -11.87 12.35
C SER B 606 5.26 -12.44 12.47
N THR B 607 4.31 -11.94 11.65
CA THR B 607 2.91 -12.40 11.67
C THR B 607 2.71 -13.64 10.77
N TRP B 608 3.79 -14.20 10.22
CA TRP B 608 3.78 -15.41 9.38
C TRP B 608 3.46 -16.64 10.25
N VAL B 609 3.80 -16.56 11.55
CA VAL B 609 3.62 -17.58 12.59
C VAL B 609 2.37 -17.22 13.45
N TRP B 610 1.50 -16.32 12.97
CA TRP B 610 0.28 -15.95 13.70
C TRP B 610 -0.89 -16.77 13.12
N THR B 611 -0.72 -18.11 13.15
CA THR B 611 -1.66 -19.09 12.61
C THR B 611 -2.17 -20.06 13.70
N LYS B 612 -3.09 -20.95 13.32
CA LYS B 612 -3.69 -21.96 14.19
C LYS B 612 -2.67 -23.04 14.57
N ALA B 613 -1.83 -23.46 13.59
CA ALA B 613 -0.80 -24.50 13.72
C ALA B 613 0.25 -24.16 14.77
N THR B 614 0.68 -22.89 14.81
CA THR B 614 1.70 -22.39 15.74
C THR B 614 1.17 -22.32 17.17
N LEU B 615 -0.17 -22.23 17.33
CA LEU B 615 -0.83 -22.22 18.65
C LEU B 615 -0.74 -23.61 19.26
N LEU B 616 -0.76 -24.65 18.39
CA LEU B 616 -0.66 -26.05 18.78
C LEU B 616 0.77 -26.41 19.19
N ILE B 617 1.79 -25.80 18.54
CA ILE B 617 3.23 -26.02 18.80
C ILE B 617 3.60 -25.62 20.24
N TRP B 618 3.08 -24.49 20.73
CA TRP B 618 3.36 -23.96 22.06
C TRP B 618 2.66 -24.75 23.16
N ARG B 619 1.51 -25.35 22.84
CA ARG B 619 0.72 -26.13 23.79
C ARG B 619 1.30 -27.56 23.89
N ARG B 620 2.01 -28.01 22.83
CA ARG B 620 2.68 -29.31 22.76
C ARG B 620 3.98 -29.28 23.57
N THR B 621 4.68 -28.11 23.55
CA THR B 621 5.92 -27.88 24.29
C THR B 621 5.62 -27.63 25.78
N TRP B 622 4.38 -27.17 26.10
CA TRP B 622 3.88 -26.91 27.45
C TRP B 622 3.79 -28.23 28.24
N CYS B 623 3.26 -29.28 27.59
CA CYS B 623 3.11 -30.63 28.13
C CYS B 623 4.49 -31.25 28.37
N ARG B 624 5.44 -30.99 27.43
CA ARG B 624 6.84 -31.45 27.45
C ARG B 624 7.59 -30.90 28.67
#